data_1CGU
#
_entry.id   1CGU
#
_cell.length_a   94.100
_cell.length_b   105.000
_cell.length_c   113.900
_cell.angle_alpha   90.00
_cell.angle_beta   90.00
_cell.angle_gamma   90.00
#
_symmetry.space_group_name_H-M   'P 21 21 21'
#
loop_
_entity.id
_entity.type
_entity.pdbx_description
1 polymer 'CYCLODEXTRIN GLYCOSYL-TRANSFERASE'
2 branched alpha-D-glucopyranose-(1-4)-alpha-D-glucopyranose
3 non-polymer 'CALCIUM ION'
4 water water
#
_entity_poly.entity_id   1
_entity_poly.type   'polypeptide(L)'
_entity_poly.pdbx_seq_one_letter_code
;DPDTAVTNKQSFSTDVIYQVFTDRFLDGNPSNNPTGAAYDATCSNLKLYCGGDWQGLINKINDNYFSDLGVTALWISQPV
ENIFATINYSGVTNTAYHGYWARDFKKTNPYFGTMADFQNLITTAHAKGIKIVIDFAPNHTSPAMETDTSFAENGRLYDN
GTLVGGYTNDTNGYFHHNGGSDFSSLENGIYKNLYDLADFNHNNATIDKYFKDAIKLWLDMGVDGIRVAAVKHMPLGWQK
SWMSSIYAHKPVFTFGEWFLGSAASDADNTDFANKSGMSLLDFRFNSAVRNVFRDNTSNMYALDSMINSTATDYNQVNDQ
VTFIDNHDMDRFKTSAVNNRRLEQALAFTLTSRGVPAIYYGTEQYLTGNGDPDNRAKMPSFSKSTTAFNVISKLAPLRKS
NPAIAYGSTQQRWINNDVYVYERKFGKSVAVVAVNRNLSTSASITGLSTSLPTGSYTDVLGGVLNGNNITSTNGSINNFT
LAAGATAVWQYTTAETTPTIGHVGPVMGKPGNVVTIDGRGFGSTKGTVYFGTTAVTGAAITSWEDTQIKVTIPSVAAGNY
AVKVAASGVNSNAYNNFTILTGDQVTVRFVVNNASTTLGQNLYLTGNVAELGNWSTGSTAIGPAFNQVIHQYPTWYYDVS
VPAGKQLEFKFFKKNGSTITWESGSNHTFTTPASGTATVTVNWQ
;
_entity_poly.pdbx_strand_id   A
#
loop_
_chem_comp.id
_chem_comp.type
_chem_comp.name
_chem_comp.formula
CA non-polymer 'CALCIUM ION' 'Ca 2'
GLC D-saccharide, alpha linking alpha-D-glucopyranose 'C6 H12 O6'
#
# COMPACT_ATOMS: atom_id res chain seq x y z
N ASP A 1 -12.56 -21.39 -2.28
CA ASP A 1 -11.82 -20.88 -1.17
C ASP A 1 -12.61 -19.67 -0.66
N PRO A 2 -12.59 -19.42 0.64
CA PRO A 2 -12.79 -18.10 1.20
C PRO A 2 -11.87 -16.94 0.82
N ASP A 3 -12.60 -15.83 0.97
CA ASP A 3 -12.09 -14.46 0.99
C ASP A 3 -11.01 -14.35 2.12
N THR A 4 -11.33 -15.01 3.22
CA THR A 4 -10.52 -15.15 4.40
C THR A 4 -9.22 -15.95 4.16
N ALA A 5 -9.29 -17.07 3.42
CA ALA A 5 -8.14 -17.97 3.23
C ALA A 5 -6.89 -17.31 2.68
N VAL A 6 -5.80 -17.74 3.32
CA VAL A 6 -4.44 -17.27 3.00
C VAL A 6 -4.22 -17.34 1.49
N THR A 7 -4.85 -18.32 0.81
CA THR A 7 -4.87 -18.40 -0.62
C THR A 7 -5.14 -17.10 -1.36
N ASN A 8 -5.74 -16.08 -0.74
CA ASN A 8 -6.17 -14.89 -1.41
C ASN A 8 -5.23 -13.72 -1.49
N LYS A 9 -4.43 -13.70 -2.54
CA LYS A 9 -3.43 -12.65 -2.75
C LYS A 9 -3.95 -11.25 -3.09
N GLN A 10 -5.20 -11.18 -3.52
CA GLN A 10 -5.67 -9.92 -4.09
C GLN A 10 -6.42 -9.00 -3.14
N SER A 11 -6.70 -9.55 -1.95
CA SER A 11 -7.28 -8.79 -0.87
C SER A 11 -6.62 -9.14 0.46
N PHE A 12 -6.40 -8.07 1.16
CA PHE A 12 -5.85 -8.16 2.48
C PHE A 12 -6.75 -7.54 3.52
N SER A 13 -7.91 -7.11 3.09
CA SER A 13 -8.84 -6.43 3.97
C SER A 13 -9.21 -7.25 5.18
N THR A 14 -9.11 -8.57 5.09
CA THR A 14 -9.42 -9.40 6.26
C THR A 14 -8.19 -9.75 7.02
N ASP A 15 -6.99 -9.28 6.71
CA ASP A 15 -5.78 -9.67 7.41
C ASP A 15 -5.35 -8.55 8.34
N VAL A 16 -4.20 -8.69 9.02
CA VAL A 16 -3.57 -7.64 9.77
C VAL A 16 -2.10 -7.92 9.41
N ILE A 17 -1.42 -6.94 8.83
CA ILE A 17 -0.04 -7.16 8.45
C ILE A 17 0.88 -6.95 9.66
N TYR A 18 1.86 -7.83 9.89
CA TYR A 18 2.87 -7.52 10.90
C TYR A 18 4.11 -7.10 10.15
N GLN A 19 4.53 -5.86 10.30
CA GLN A 19 5.79 -5.42 9.72
C GLN A 19 6.96 -5.47 10.67
N VAL A 20 7.91 -6.26 10.20
CA VAL A 20 9.14 -6.53 10.95
C VAL A 20 10.40 -6.32 10.14
N PHE A 21 11.30 -5.48 10.63
CA PHE A 21 12.63 -5.30 10.07
C PHE A 21 13.41 -6.61 10.27
N THR A 22 13.50 -7.46 9.25
CA THR A 22 14.14 -8.75 9.35
C THR A 22 15.40 -8.84 10.19
N ASP A 23 16.43 -8.09 9.98
CA ASP A 23 17.60 -8.13 10.84
C ASP A 23 17.29 -7.66 12.24
N ARG A 24 16.30 -6.85 12.63
CA ARG A 24 16.11 -6.62 14.06
C ARG A 24 15.18 -7.58 14.76
N PHE A 25 14.67 -8.68 14.17
CA PHE A 25 13.70 -9.53 14.92
C PHE A 25 14.33 -10.70 15.68
N LEU A 26 14.77 -11.75 14.96
CA LEU A 26 15.30 -12.94 15.56
C LEU A 26 16.30 -13.61 14.62
N ASP A 27 17.53 -13.75 15.09
CA ASP A 27 18.60 -14.47 14.41
C ASP A 27 18.54 -16.02 14.46
N GLY A 28 17.73 -16.65 13.61
CA GLY A 28 17.56 -18.09 13.61
C GLY A 28 18.78 -18.92 13.27
N ASN A 29 19.56 -18.42 12.31
CA ASN A 29 20.75 -19.10 11.82
C ASN A 29 21.79 -18.04 11.99
N PRO A 30 22.93 -18.36 12.67
CA PRO A 30 23.99 -17.42 13.00
C PRO A 30 25.25 -17.50 12.16
N SER A 31 25.13 -18.43 11.22
CA SER A 31 26.16 -18.68 10.27
C SER A 31 26.01 -17.69 9.13
N ASN A 32 24.77 -17.22 8.85
CA ASN A 32 24.54 -16.16 7.88
C ASN A 32 24.55 -14.81 8.58
N ASN A 33 25.53 -14.65 9.47
CA ASN A 33 25.69 -13.40 10.18
C ASN A 33 26.84 -12.81 9.43
N PRO A 34 26.89 -11.49 9.23
CA PRO A 34 28.10 -10.79 8.82
C PRO A 34 29.32 -11.02 9.72
N THR A 35 30.45 -10.59 9.11
CA THR A 35 31.80 -10.60 9.68
C THR A 35 32.44 -9.26 9.99
N GLY A 36 32.51 -8.84 11.25
CA GLY A 36 33.37 -7.74 11.64
C GLY A 36 32.75 -6.38 11.48
N ALA A 37 33.37 -5.44 10.74
CA ALA A 37 32.89 -4.08 10.50
C ALA A 37 31.38 -3.86 10.55
N ALA A 38 30.73 -4.64 9.66
CA ALA A 38 29.30 -4.64 9.50
C ALA A 38 28.47 -5.33 10.58
N TYR A 39 29.02 -5.85 11.68
CA TYR A 39 28.26 -6.68 12.60
C TYR A 39 28.35 -6.36 14.09
N ASP A 40 27.16 -6.38 14.74
CA ASP A 40 27.00 -6.16 16.16
C ASP A 40 26.07 -7.19 16.81
N ALA A 41 26.75 -8.03 17.60
CA ALA A 41 26.13 -9.15 18.26
C ALA A 41 25.03 -8.73 19.22
N THR A 42 25.53 -7.74 19.97
CA THR A 42 24.78 -7.05 21.01
C THR A 42 23.77 -6.06 20.49
N CYS A 43 23.82 -5.75 19.19
CA CYS A 43 22.92 -4.81 18.53
C CYS A 43 22.68 -3.52 19.30
N SER A 44 23.78 -2.93 19.74
CA SER A 44 23.79 -1.66 20.47
C SER A 44 23.98 -0.53 19.47
N ASN A 45 24.68 -0.85 18.40
CA ASN A 45 24.94 0.12 17.37
C ASN A 45 24.04 -0.31 16.25
N LEU A 46 22.90 0.36 16.27
CA LEU A 46 21.83 0.12 15.36
C LEU A 46 22.06 0.38 13.89
N LYS A 47 23.17 1.03 13.52
CA LYS A 47 23.56 1.23 12.15
C LYS A 47 24.27 0.01 11.53
N LEU A 48 24.63 -0.94 12.42
CA LEU A 48 25.27 -2.18 12.07
C LEU A 48 24.24 -3.26 11.94
N TYR A 49 24.66 -4.40 11.37
CA TYR A 49 23.76 -5.54 11.28
C TYR A 49 23.69 -6.18 12.67
N CYS A 50 22.55 -6.68 13.06
CA CYS A 50 22.41 -7.31 14.36
C CYS A 50 22.27 -8.82 14.22
N GLY A 51 22.34 -9.32 13.01
CA GLY A 51 22.22 -10.75 12.75
C GLY A 51 20.84 -11.37 12.49
N GLY A 52 19.72 -10.64 12.56
CA GLY A 52 18.40 -11.22 12.37
C GLY A 52 18.19 -11.68 10.97
N ASP A 53 17.36 -12.73 10.80
CA ASP A 53 17.18 -13.34 9.47
C ASP A 53 15.95 -14.24 9.22
N TRP A 54 15.74 -14.72 8.00
CA TRP A 54 14.61 -15.58 7.69
C TRP A 54 14.37 -16.86 8.56
N GLN A 55 15.37 -17.67 8.91
CA GLN A 55 15.17 -18.80 9.84
C GLN A 55 14.59 -18.35 11.22
N GLY A 56 14.93 -17.09 11.59
CA GLY A 56 14.39 -16.44 12.79
C GLY A 56 12.89 -16.29 12.79
N LEU A 57 12.31 -15.82 11.71
CA LEU A 57 10.87 -15.69 11.57
C LEU A 57 10.28 -17.08 11.50
N ILE A 58 11.01 -18.01 10.86
CA ILE A 58 10.48 -19.37 10.64
C ILE A 58 10.21 -19.99 12.00
N ASN A 59 11.27 -20.03 12.78
CA ASN A 59 11.24 -20.47 14.15
C ASN A 59 10.05 -19.82 14.85
N LYS A 60 9.88 -18.48 14.83
CA LYS A 60 8.70 -17.85 15.44
C LYS A 60 7.34 -18.24 14.93
N ILE A 61 7.11 -18.44 13.64
CA ILE A 61 5.85 -18.94 13.05
C ILE A 61 5.53 -20.31 13.62
N ASN A 62 6.59 -21.11 13.77
CA ASN A 62 6.49 -22.46 14.29
C ASN A 62 6.21 -22.49 15.74
N ASP A 63 6.74 -21.65 16.64
CA ASP A 63 6.37 -21.74 18.05
C ASP A 63 5.16 -20.94 18.46
N ASN A 64 4.33 -20.72 17.42
CA ASN A 64 3.10 -20.00 17.49
C ASN A 64 3.18 -18.58 18.10
N TYR A 65 4.19 -17.75 17.83
CA TYR A 65 4.08 -16.37 18.30
C TYR A 65 3.06 -15.56 17.48
N PHE A 66 3.15 -15.56 16.15
CA PHE A 66 2.30 -14.74 15.25
C PHE A 66 0.81 -15.09 15.24
N SER A 67 0.67 -16.40 15.32
CA SER A 67 -0.63 -17.03 15.33
C SER A 67 -1.27 -16.77 16.67
N ASP A 68 -0.52 -16.79 17.77
CA ASP A 68 -1.11 -16.44 19.06
C ASP A 68 -1.47 -14.97 19.16
N LEU A 69 -0.70 -14.09 18.55
CA LEU A 69 -1.01 -12.66 18.46
C LEU A 69 -2.15 -12.43 17.49
N GLY A 70 -2.37 -13.36 16.55
CA GLY A 70 -3.47 -13.21 15.62
C GLY A 70 -3.13 -12.46 14.36
N VAL A 71 -1.89 -11.93 14.14
CA VAL A 71 -1.46 -11.28 12.89
C VAL A 71 -1.54 -12.35 11.82
N THR A 72 -2.07 -12.05 10.66
CA THR A 72 -2.21 -13.04 9.62
C THR A 72 -1.36 -12.83 8.40
N ALA A 73 -0.39 -11.91 8.49
CA ALA A 73 0.47 -11.61 7.37
C ALA A 73 1.77 -11.04 7.86
N LEU A 74 2.89 -11.14 7.14
CA LEU A 74 4.13 -10.53 7.63
C LEU A 74 4.75 -9.73 6.52
N TRP A 75 5.19 -8.51 6.77
CA TRP A 75 5.81 -7.68 5.80
C TRP A 75 7.28 -7.57 6.19
N ILE A 76 8.07 -8.28 5.41
CA ILE A 76 9.53 -8.30 5.61
C ILE A 76 10.17 -7.21 4.74
N SER A 77 11.46 -6.98 5.09
CA SER A 77 12.44 -6.16 4.43
C SER A 77 12.61 -6.62 3.00
N GLN A 78 12.93 -5.73 2.06
CA GLN A 78 13.30 -6.05 0.70
C GLN A 78 14.43 -7.08 0.79
N PRO A 79 14.29 -8.25 0.09
CA PRO A 79 15.15 -9.43 0.27
C PRO A 79 16.37 -9.54 -0.64
N VAL A 80 16.59 -8.61 -1.59
CA VAL A 80 17.52 -8.78 -2.68
C VAL A 80 18.96 -8.54 -2.26
N GLU A 81 19.97 -9.05 -2.99
CA GLU A 81 21.35 -8.84 -2.56
C GLU A 81 21.64 -7.31 -2.55
N ASN A 82 21.92 -6.75 -1.35
CA ASN A 82 22.30 -5.34 -1.18
C ASN A 82 23.84 -5.25 -1.22
N ILE A 83 24.35 -4.02 -1.41
CA ILE A 83 25.78 -3.73 -1.31
C ILE A 83 26.32 -4.32 0.02
N PHE A 84 27.59 -4.72 -0.12
CA PHE A 84 28.29 -5.35 0.98
C PHE A 84 29.20 -4.34 1.64
N ALA A 85 29.56 -3.32 0.86
CA ALA A 85 30.35 -2.19 1.31
C ALA A 85 29.69 -1.45 2.46
N THR A 86 30.55 -0.96 3.32
CA THR A 86 30.11 -0.26 4.50
C THR A 86 30.26 1.23 4.14
N ILE A 87 29.29 2.13 4.34
CA ILE A 87 29.52 3.51 3.98
C ILE A 87 29.68 4.35 5.24
N ASN A 88 30.82 5.01 5.37
CA ASN A 88 31.08 5.83 6.54
C ASN A 88 30.56 7.23 6.29
N TYR A 89 29.42 7.65 6.84
CA TYR A 89 28.86 8.98 6.61
C TYR A 89 29.17 9.74 7.85
N SER A 90 30.05 10.71 7.63
CA SER A 90 30.51 11.61 8.66
C SER A 90 30.68 11.00 10.05
N GLY A 91 31.73 10.15 9.98
CA GLY A 91 32.23 9.46 11.17
C GLY A 91 31.51 8.18 11.53
N VAL A 92 30.24 7.97 11.22
CA VAL A 92 29.60 6.75 11.63
C VAL A 92 29.37 5.67 10.52
N THR A 93 29.89 4.45 10.73
CA THR A 93 29.78 3.31 9.82
C THR A 93 28.34 2.92 9.59
N ASN A 94 27.86 3.00 8.36
CA ASN A 94 26.49 2.59 8.09
C ASN A 94 26.51 1.28 7.31
N THR A 95 25.69 0.27 7.66
CA THR A 95 25.59 -0.94 6.84
C THR A 95 24.28 -0.98 6.11
N ALA A 96 24.11 -1.86 5.11
CA ALA A 96 22.82 -1.91 4.40
C ALA A 96 21.79 -2.85 5.00
N TYR A 97 21.82 -2.90 6.33
CA TYR A 97 20.96 -3.74 7.18
C TYR A 97 19.48 -3.75 6.90
N HIS A 98 19.04 -2.65 6.33
CA HIS A 98 17.63 -2.35 6.18
C HIS A 98 17.00 -2.83 4.89
N GLY A 99 17.88 -3.49 4.12
CA GLY A 99 17.49 -4.07 2.88
C GLY A 99 17.14 -3.05 1.80
N TYR A 100 17.63 -1.80 1.77
CA TYR A 100 17.31 -0.82 0.72
C TYR A 100 18.42 -0.43 -0.26
N TRP A 101 19.66 -0.78 0.02
CA TRP A 101 20.72 -0.33 -0.83
C TRP A 101 20.97 -1.52 -1.70
N ALA A 102 19.99 -1.95 -2.47
CA ALA A 102 20.14 -3.11 -3.32
C ALA A 102 21.31 -3.07 -4.33
N ARG A 103 21.72 -4.25 -4.85
CA ARG A 103 22.76 -4.36 -5.87
C ARG A 103 22.52 -5.50 -6.84
N ASP A 104 21.50 -6.34 -6.59
CA ASP A 104 21.08 -7.43 -7.52
C ASP A 104 19.69 -7.89 -7.10
N PHE A 105 18.71 -7.49 -7.89
CA PHE A 105 17.33 -7.78 -7.59
C PHE A 105 16.87 -9.20 -7.86
N LYS A 106 17.71 -9.87 -8.65
CA LYS A 106 17.54 -11.25 -9.01
C LYS A 106 18.24 -12.24 -8.07
N LYS A 107 18.67 -11.81 -6.87
CA LYS A 107 19.34 -12.71 -5.94
C LYS A 107 18.86 -12.45 -4.50
N THR A 108 19.20 -13.27 -3.47
CA THR A 108 18.80 -12.93 -2.12
C THR A 108 19.92 -12.28 -1.33
N ASN A 109 19.50 -11.70 -0.21
CA ASN A 109 20.37 -11.10 0.77
C ASN A 109 20.85 -12.31 1.57
N PRO A 110 22.13 -12.66 1.47
CA PRO A 110 22.73 -13.81 2.19
C PRO A 110 22.64 -13.69 3.73
N TYR A 111 22.71 -12.48 4.28
CA TYR A 111 22.54 -12.30 5.70
C TYR A 111 21.07 -12.60 6.12
N PHE A 112 20.09 -12.48 5.19
CA PHE A 112 18.75 -12.90 5.53
C PHE A 112 18.56 -14.38 5.26
N GLY A 113 19.09 -14.93 4.20
CA GLY A 113 18.96 -16.35 3.97
C GLY A 113 19.24 -16.68 2.52
N THR A 114 19.12 -17.95 2.12
CA THR A 114 19.31 -18.39 0.72
C THR A 114 18.01 -18.37 -0.06
N MET A 115 18.01 -18.84 -1.31
CA MET A 115 16.76 -18.92 -2.09
C MET A 115 15.87 -20.01 -1.52
N ALA A 116 16.53 -21.02 -1.03
CA ALA A 116 15.84 -22.14 -0.47
C ALA A 116 15.30 -21.79 0.93
N ASP A 117 16.03 -20.93 1.67
CA ASP A 117 15.53 -20.43 2.93
C ASP A 117 14.34 -19.56 2.60
N PHE A 118 14.39 -18.71 1.55
CA PHE A 118 13.24 -17.92 1.15
C PHE A 118 12.03 -18.81 0.89
N GLN A 119 12.14 -19.77 -0.02
CA GLN A 119 11.06 -20.72 -0.26
C GLN A 119 10.51 -21.37 1.01
N ASN A 120 11.44 -21.80 1.87
CA ASN A 120 11.12 -22.31 3.17
C ASN A 120 10.13 -21.49 3.97
N LEU A 121 10.39 -20.16 3.99
CA LEU A 121 9.52 -19.20 4.68
C LEU A 121 8.14 -19.22 4.04
N ILE A 122 8.09 -19.03 2.71
CA ILE A 122 6.84 -18.98 1.98
C ILE A 122 5.87 -20.09 2.35
N THR A 123 6.51 -21.22 2.53
CA THR A 123 5.85 -22.45 2.89
C THR A 123 5.55 -22.50 4.39
N THR A 124 6.46 -22.33 5.37
CA THR A 124 6.10 -22.36 6.79
C THR A 124 5.01 -21.31 7.14
N ALA A 125 4.96 -20.30 6.28
CA ALA A 125 3.98 -19.25 6.41
C ALA A 125 2.70 -19.78 5.91
N HIS A 126 2.58 -20.10 4.61
CA HIS A 126 1.29 -20.49 4.02
C HIS A 126 0.63 -21.69 4.72
N ALA A 127 1.53 -22.51 5.27
CA ALA A 127 1.15 -23.60 6.16
C ALA A 127 0.26 -23.14 7.34
N LYS A 128 0.65 -22.05 8.01
CA LYS A 128 -0.14 -21.55 9.10
C LYS A 128 -1.04 -20.44 8.60
N GLY A 129 -1.35 -20.43 7.29
CA GLY A 129 -2.23 -19.41 6.76
C GLY A 129 -1.71 -17.98 7.01
N ILE A 130 -0.43 -17.66 6.87
CA ILE A 130 0.07 -16.32 7.09
C ILE A 130 0.57 -15.89 5.73
N LYS A 131 -0.04 -14.84 5.17
CA LYS A 131 0.46 -14.34 3.88
C LYS A 131 1.80 -13.66 4.13
N ILE A 132 2.72 -13.81 3.16
CA ILE A 132 3.97 -13.03 3.08
C ILE A 132 3.96 -11.81 2.12
N VAL A 133 4.63 -10.70 2.49
CA VAL A 133 4.58 -9.44 1.72
C VAL A 133 5.99 -8.92 1.75
N ILE A 134 6.54 -8.55 0.58
CA ILE A 134 7.91 -8.03 0.53
C ILE A 134 7.98 -6.57 0.20
N ASP A 135 9.12 -5.99 0.57
CA ASP A 135 9.47 -4.65 0.16
C ASP A 135 10.17 -4.62 -1.19
N PHE A 136 9.93 -3.59 -2.00
CA PHE A 136 10.59 -3.53 -3.28
C PHE A 136 10.91 -2.09 -3.64
N ALA A 137 12.14 -1.84 -4.00
CA ALA A 137 12.60 -0.52 -4.34
C ALA A 137 13.02 -0.27 -5.79
N PRO A 138 12.16 -0.27 -6.81
CA PRO A 138 12.53 0.01 -8.21
C PRO A 138 13.04 1.41 -8.56
N ASN A 139 13.32 2.23 -7.58
CA ASN A 139 13.66 3.60 -7.81
C ASN A 139 15.15 3.77 -7.95
N HIS A 140 15.90 2.93 -7.23
CA HIS A 140 17.34 3.07 -7.12
C HIS A 140 18.05 1.80 -6.66
N THR A 141 19.38 1.95 -6.73
CA THR A 141 20.34 0.98 -6.25
C THR A 141 20.82 1.31 -4.85
N SER A 142 21.88 2.09 -4.75
CA SER A 142 22.61 2.25 -3.50
C SER A 142 23.21 3.67 -3.47
N PRO A 143 23.93 4.21 -2.47
CA PRO A 143 24.61 5.51 -2.58
C PRO A 143 25.78 5.60 -3.58
N ALA A 144 26.05 6.73 -4.24
CA ALA A 144 27.23 6.81 -5.09
C ALA A 144 27.54 8.21 -5.56
N MET A 145 28.82 8.42 -5.80
CA MET A 145 29.30 9.69 -6.26
C MET A 145 29.75 9.47 -7.66
N GLU A 146 29.33 10.32 -8.56
CA GLU A 146 29.73 10.28 -9.94
C GLU A 146 31.22 10.59 -10.01
N THR A 147 31.76 11.62 -9.37
CA THR A 147 33.18 11.94 -9.40
C THR A 147 34.01 10.85 -8.72
N ASP A 148 33.32 10.00 -7.97
CA ASP A 148 34.00 9.10 -7.08
C ASP A 148 33.49 7.69 -7.00
N THR A 149 34.12 6.85 -7.81
CA THR A 149 33.89 5.41 -7.88
C THR A 149 34.19 4.70 -6.56
N SER A 150 35.08 5.36 -5.83
CA SER A 150 35.61 4.88 -4.56
C SER A 150 34.60 4.82 -3.43
N PHE A 151 33.54 5.59 -3.64
CA PHE A 151 32.53 5.72 -2.64
C PHE A 151 31.55 4.59 -2.79
N ALA A 152 31.36 3.91 -1.65
CA ALA A 152 30.48 2.74 -1.55
C ALA A 152 30.64 1.78 -2.76
N GLU A 153 29.60 1.22 -3.42
CA GLU A 153 29.83 0.40 -4.60
C GLU A 153 29.47 1.14 -5.87
N ASN A 154 29.45 2.47 -5.76
CA ASN A 154 29.17 3.36 -6.88
C ASN A 154 27.90 2.97 -7.59
N GLY A 155 26.86 2.63 -6.84
CA GLY A 155 25.54 2.34 -7.39
C GLY A 155 25.43 1.13 -8.33
N ARG A 156 26.54 0.33 -8.39
CA ARG A 156 26.64 -0.78 -9.31
C ARG A 156 25.44 -1.74 -9.30
N LEU A 157 24.87 -1.97 -10.49
CA LEU A 157 23.77 -2.88 -10.57
C LEU A 157 24.31 -4.03 -11.36
N TYR A 158 24.18 -5.16 -10.67
CA TYR A 158 24.45 -6.46 -11.25
C TYR A 158 23.09 -7.15 -11.50
N ASP A 159 22.98 -7.71 -12.69
CA ASP A 159 21.86 -8.58 -13.04
C ASP A 159 22.39 -9.98 -12.77
N ASN A 160 21.73 -10.63 -11.80
CA ASN A 160 22.06 -11.97 -11.38
C ASN A 160 23.54 -12.35 -11.32
N GLY A 161 24.44 -11.41 -10.97
CA GLY A 161 25.84 -11.72 -10.89
C GLY A 161 26.58 -10.98 -11.97
N THR A 162 25.96 -11.02 -13.13
CA THR A 162 26.47 -10.33 -14.31
C THR A 162 26.25 -8.81 -14.25
N LEU A 163 27.33 -8.05 -14.24
CA LEU A 163 27.21 -6.61 -14.09
C LEU A 163 26.72 -5.84 -15.30
N VAL A 164 25.51 -5.26 -15.12
CA VAL A 164 24.84 -4.41 -16.08
C VAL A 164 25.49 -3.01 -15.94
N GLY A 165 25.82 -2.45 -14.76
CA GLY A 165 26.60 -1.17 -14.80
C GLY A 165 26.54 -0.25 -13.58
N GLY A 166 27.52 0.58 -13.27
CA GLY A 166 27.50 1.50 -12.13
C GLY A 166 27.31 2.98 -12.55
N TYR A 167 27.41 3.82 -11.52
CA TYR A 167 26.98 5.17 -11.64
C TYR A 167 27.85 6.08 -12.45
N THR A 168 29.13 5.99 -12.12
CA THR A 168 30.17 6.72 -12.81
C THR A 168 30.28 5.96 -14.11
N ASN A 169 30.55 6.72 -15.17
CA ASN A 169 30.79 6.17 -16.51
C ASN A 169 29.70 5.21 -16.91
N ASP A 170 28.51 5.83 -16.88
CA ASP A 170 27.27 5.21 -17.27
C ASP A 170 26.92 5.70 -18.65
N THR A 171 27.72 5.14 -19.57
CA THR A 171 27.60 5.43 -20.99
C THR A 171 26.25 5.02 -21.54
N ASN A 172 25.53 4.09 -20.91
CA ASN A 172 24.23 3.67 -21.43
C ASN A 172 23.08 4.51 -20.98
N GLY A 173 23.35 5.20 -19.86
CA GLY A 173 22.38 6.05 -19.20
C GLY A 173 21.38 5.18 -18.48
N TYR A 174 21.83 4.27 -17.64
CA TYR A 174 20.88 3.58 -16.79
C TYR A 174 20.50 4.52 -15.61
N PHE A 175 21.08 5.70 -15.34
CA PHE A 175 20.69 6.47 -14.19
C PHE A 175 20.47 7.95 -14.44
N HIS A 176 19.54 8.63 -13.75
CA HIS A 176 19.48 10.07 -13.75
C HIS A 176 20.77 10.60 -13.10
N HIS A 177 21.41 11.38 -13.94
CA HIS A 177 22.62 12.05 -13.49
C HIS A 177 22.17 13.50 -13.57
N ASN A 178 21.13 13.85 -12.82
CA ASN A 178 20.50 15.16 -12.89
C ASN A 178 20.75 15.99 -11.65
N GLY A 179 21.74 15.63 -10.83
CA GLY A 179 21.86 16.22 -9.52
C GLY A 179 20.88 15.49 -8.62
N GLY A 180 20.86 15.92 -7.36
CA GLY A 180 19.98 15.30 -6.36
C GLY A 180 18.82 16.25 -6.17
N SER A 181 17.65 15.66 -5.83
CA SER A 181 16.38 16.37 -5.65
C SER A 181 16.58 17.36 -4.55
N ASP A 182 16.06 18.57 -4.80
CA ASP A 182 16.06 19.57 -3.74
C ASP A 182 14.69 19.55 -3.07
N PHE A 183 13.73 18.84 -3.67
CA PHE A 183 12.32 18.70 -3.33
C PHE A 183 11.42 19.93 -3.49
N SER A 184 11.74 20.93 -4.32
CA SER A 184 10.82 22.06 -4.45
C SER A 184 9.52 21.76 -5.23
N SER A 185 9.47 20.64 -5.95
CA SER A 185 8.34 20.15 -6.72
C SER A 185 8.43 18.61 -6.96
N LEU A 186 7.29 18.14 -7.49
CA LEU A 186 7.11 16.75 -7.78
C LEU A 186 8.13 16.23 -8.80
N GLU A 187 8.27 17.10 -9.80
CA GLU A 187 9.13 16.81 -10.94
C GLU A 187 10.59 16.58 -10.49
N ASN A 188 11.13 17.55 -9.74
CA ASN A 188 12.49 17.38 -9.23
C ASN A 188 12.60 16.25 -8.21
N GLY A 189 11.53 15.87 -7.55
CA GLY A 189 11.53 14.69 -6.68
C GLY A 189 11.65 13.31 -7.35
N ILE A 190 11.42 13.23 -8.68
CA ILE A 190 11.40 12.05 -9.54
C ILE A 190 12.69 11.87 -10.38
N TYR A 191 13.08 12.91 -11.14
CA TYR A 191 14.18 12.83 -12.06
C TYR A 191 15.55 13.27 -11.53
N LYS A 192 15.61 13.65 -10.27
CA LYS A 192 16.89 13.86 -9.61
C LYS A 192 17.00 12.73 -8.57
N ASN A 193 18.21 12.45 -8.04
CA ASN A 193 18.52 11.44 -7.03
C ASN A 193 17.76 11.68 -5.73
N LEU A 194 17.14 10.63 -5.18
CA LEU A 194 16.66 10.62 -3.79
C LEU A 194 17.87 10.70 -2.87
N TYR A 195 18.18 11.79 -2.19
CA TYR A 195 19.35 11.98 -1.35
C TYR A 195 20.68 11.68 -2.07
N ASP A 196 21.31 10.53 -1.82
CA ASP A 196 22.59 10.26 -2.46
C ASP A 196 22.64 8.97 -3.21
N LEU A 197 21.42 8.43 -3.32
CA LEU A 197 21.10 7.17 -3.91
C LEU A 197 21.02 7.22 -5.43
N ALA A 198 21.79 6.39 -6.15
CA ALA A 198 21.79 6.38 -7.61
C ALA A 198 20.42 6.10 -8.27
N ASP A 199 19.99 7.13 -8.95
CA ASP A 199 18.70 7.14 -9.54
C ASP A 199 18.48 6.44 -10.86
N PHE A 200 17.67 5.39 -10.91
CA PHE A 200 17.29 4.80 -12.18
C PHE A 200 16.59 5.65 -13.22
N ASN A 201 17.11 5.33 -14.40
CA ASN A 201 16.53 5.78 -15.64
C ASN A 201 15.50 4.77 -16.23
N HIS A 202 14.23 4.85 -15.82
CA HIS A 202 13.20 3.92 -16.31
C HIS A 202 12.91 4.09 -17.78
N ASN A 203 13.01 5.26 -18.36
CA ASN A 203 12.73 5.36 -19.78
C ASN A 203 13.74 4.51 -20.58
N ASN A 204 14.86 4.10 -19.94
CA ASN A 204 15.80 3.14 -20.49
C ASN A 204 15.28 1.70 -20.49
N ALA A 205 15.11 1.29 -21.72
CA ALA A 205 14.55 -0.02 -22.05
C ALA A 205 15.23 -1.27 -21.49
N THR A 206 16.57 -1.37 -21.23
CA THR A 206 17.17 -2.46 -20.43
C THR A 206 16.54 -2.51 -19.01
N ILE A 207 16.52 -1.35 -18.31
CA ILE A 207 16.03 -1.24 -16.96
C ILE A 207 14.52 -1.45 -16.91
N ASP A 208 13.79 -0.99 -17.91
CA ASP A 208 12.36 -1.24 -17.86
C ASP A 208 12.12 -2.75 -17.86
N LYS A 209 12.82 -3.38 -18.78
CA LYS A 209 12.80 -4.81 -18.93
C LYS A 209 13.21 -5.54 -17.65
N TYR A 210 14.36 -5.21 -17.07
CA TYR A 210 14.97 -5.81 -15.87
C TYR A 210 13.99 -5.90 -14.72
N PHE A 211 13.27 -4.80 -14.48
CA PHE A 211 12.45 -4.75 -13.31
C PHE A 211 11.16 -5.52 -13.31
N LYS A 212 10.60 -5.68 -14.50
CA LYS A 212 9.41 -6.47 -14.69
C LYS A 212 9.91 -7.90 -14.47
N ASP A 213 11.03 -8.27 -15.12
CA ASP A 213 11.63 -9.59 -14.98
C ASP A 213 12.08 -9.84 -13.53
N ALA A 214 12.55 -8.83 -12.75
CA ALA A 214 12.99 -9.05 -11.40
C ALA A 214 11.73 -9.28 -10.56
N ILE A 215 10.52 -8.72 -10.81
CA ILE A 215 9.45 -9.03 -9.88
C ILE A 215 8.77 -10.36 -10.13
N LYS A 216 8.72 -10.82 -11.39
CA LYS A 216 8.10 -12.10 -11.75
C LYS A 216 8.80 -13.25 -11.07
N LEU A 217 10.08 -13.04 -10.77
CA LEU A 217 10.89 -14.00 -10.06
C LEU A 217 10.37 -14.29 -8.65
N TRP A 218 10.05 -13.17 -8.00
CA TRP A 218 9.67 -13.14 -6.58
C TRP A 218 8.24 -13.60 -6.45
N LEU A 219 7.38 -13.12 -7.41
CA LEU A 219 5.95 -13.44 -7.49
C LEU A 219 5.93 -14.93 -7.71
N ASP A 220 6.81 -15.47 -8.57
CA ASP A 220 6.89 -16.89 -8.79
C ASP A 220 7.29 -17.66 -7.55
N MET A 221 8.02 -17.07 -6.60
CA MET A 221 8.19 -17.78 -5.34
C MET A 221 6.99 -17.64 -4.41
N GLY A 222 5.95 -16.89 -4.78
CA GLY A 222 4.71 -16.95 -4.04
C GLY A 222 4.47 -15.90 -3.00
N VAL A 223 5.12 -14.77 -3.19
CA VAL A 223 4.86 -13.61 -2.33
C VAL A 223 3.39 -13.25 -2.61
N ASP A 224 2.79 -12.75 -1.59
CA ASP A 224 1.38 -12.56 -1.66
C ASP A 224 1.13 -11.07 -1.70
N GLY A 225 2.11 -10.20 -1.46
CA GLY A 225 1.88 -8.76 -1.53
C GLY A 225 3.20 -8.04 -1.79
N ILE A 226 3.11 -6.80 -2.30
CA ILE A 226 4.28 -6.01 -2.61
C ILE A 226 4.16 -4.62 -2.02
N ARG A 227 5.02 -4.26 -1.09
CA ARG A 227 5.11 -2.90 -0.58
C ARG A 227 6.24 -2.15 -1.32
N VAL A 228 5.77 -1.25 -2.16
CA VAL A 228 6.68 -0.46 -2.96
C VAL A 228 7.30 0.78 -2.29
N ALA A 229 8.61 1.04 -2.45
CA ALA A 229 9.19 2.25 -1.85
C ALA A 229 9.30 3.46 -2.78
N ALA A 230 9.27 4.64 -2.13
CA ALA A 230 9.44 5.92 -2.75
C ALA A 230 8.66 6.20 -4.02
N VAL A 231 7.35 5.92 -4.03
CA VAL A 231 6.60 6.03 -5.25
C VAL A 231 6.45 7.47 -5.70
N LYS A 232 6.53 8.45 -4.81
CA LYS A 232 6.52 9.85 -5.21
C LYS A 232 7.79 10.19 -5.98
N HIS A 233 8.87 9.39 -5.81
CA HIS A 233 10.07 9.65 -6.56
C HIS A 233 10.24 8.85 -7.87
N MET A 234 9.22 8.13 -8.38
CA MET A 234 9.22 7.56 -9.71
C MET A 234 7.99 8.01 -10.51
N PRO A 235 8.10 8.18 -11.82
CA PRO A 235 6.95 8.50 -12.67
C PRO A 235 5.76 7.54 -12.64
N LEU A 236 4.53 8.09 -12.52
CA LEU A 236 3.28 7.28 -12.42
C LEU A 236 3.11 6.37 -13.66
N GLY A 237 3.26 6.98 -14.86
CA GLY A 237 3.29 6.27 -16.10
C GLY A 237 4.05 4.95 -16.00
N TRP A 238 5.35 5.00 -15.56
CA TRP A 238 6.16 3.77 -15.44
C TRP A 238 5.60 2.81 -14.39
N GLN A 239 5.26 3.33 -13.23
CA GLN A 239 4.59 2.49 -12.25
C GLN A 239 3.34 1.74 -12.75
N LYS A 240 2.59 2.36 -13.66
CA LYS A 240 1.37 1.77 -14.21
C LYS A 240 1.68 0.65 -15.18
N SER A 241 2.61 0.76 -16.10
CA SER A 241 2.93 -0.37 -16.98
C SER A 241 3.50 -1.57 -16.24
N TRP A 242 4.37 -1.25 -15.26
CA TRP A 242 5.05 -2.25 -14.41
C TRP A 242 3.96 -3.02 -13.68
N MET A 243 2.99 -2.27 -13.18
CA MET A 243 1.85 -2.86 -12.51
C MET A 243 0.98 -3.73 -13.40
N SER A 244 0.73 -3.26 -14.60
CA SER A 244 -0.19 -3.96 -15.48
C SER A 244 0.46 -5.27 -15.92
N SER A 245 1.81 -5.22 -16.07
CA SER A 245 2.59 -6.43 -16.33
C SER A 245 2.46 -7.36 -15.16
N ILE A 246 2.55 -6.87 -13.92
CA ILE A 246 2.34 -7.77 -12.79
C ILE A 246 0.93 -8.41 -12.83
N TYR A 247 -0.16 -7.65 -12.89
CA TYR A 247 -1.53 -8.19 -12.87
C TYR A 247 -1.88 -9.24 -13.96
N ALA A 248 -1.28 -9.02 -15.11
CA ALA A 248 -1.21 -9.96 -16.19
C ALA A 248 -0.73 -11.40 -15.92
N HIS A 249 0.09 -11.46 -14.86
CA HIS A 249 0.91 -12.59 -14.59
C HIS A 249 0.63 -13.18 -13.23
N LYS A 250 0.78 -12.41 -12.17
CA LYS A 250 0.52 -12.99 -10.89
C LYS A 250 0.02 -11.85 -10.06
N PRO A 251 -1.27 -11.51 -10.15
CA PRO A 251 -1.87 -10.43 -9.37
C PRO A 251 -1.67 -10.58 -7.86
N VAL A 252 -0.79 -9.78 -7.25
CA VAL A 252 -0.81 -9.73 -5.81
C VAL A 252 -1.23 -8.31 -5.42
N PHE A 253 -1.65 -8.12 -4.17
CA PHE A 253 -2.05 -6.81 -3.62
C PHE A 253 -0.80 -5.93 -3.45
N THR A 254 -0.79 -4.71 -3.96
CA THR A 254 0.43 -3.91 -4.01
C THR A 254 0.06 -2.55 -3.45
N PHE A 255 0.79 -2.09 -2.43
CA PHE A 255 0.56 -0.75 -1.86
C PHE A 255 1.93 -0.06 -1.87
N GLY A 256 1.94 1.27 -2.08
CA GLY A 256 3.16 2.06 -2.21
C GLY A 256 3.28 3.12 -1.15
N GLU A 257 4.49 3.67 -0.86
CA GLU A 257 4.54 4.86 -0.01
C GLU A 257 5.00 6.13 -0.68
N TRP A 258 3.90 6.92 -0.57
CA TRP A 258 3.82 8.36 -0.83
C TRP A 258 3.74 9.01 0.57
N PHE A 259 4.88 9.53 1.05
CA PHE A 259 4.92 10.16 2.37
C PHE A 259 4.06 11.40 2.42
N LEU A 260 3.28 11.48 3.50
CA LEU A 260 2.50 12.68 3.75
C LEU A 260 2.76 13.20 5.15
N GLY A 261 2.57 14.52 5.38
CA GLY A 261 2.81 15.10 6.70
C GLY A 261 1.55 15.40 7.52
N SER A 262 0.37 15.06 7.02
CA SER A 262 -0.81 15.55 7.72
C SER A 262 -2.01 14.80 7.24
N ALA A 263 -3.12 14.99 7.97
CA ALA A 263 -4.41 14.42 7.63
C ALA A 263 -5.02 15.00 6.37
N ALA A 264 -4.45 16.15 5.99
CA ALA A 264 -4.87 16.82 4.79
C ALA A 264 -4.73 15.97 3.53
N SER A 265 -5.77 16.21 2.76
CA SER A 265 -5.97 15.63 1.47
C SER A 265 -4.95 16.28 0.57
N ASP A 266 -4.00 15.46 0.06
CA ASP A 266 -3.04 15.96 -0.89
C ASP A 266 -3.55 15.40 -2.16
N ALA A 267 -3.55 16.28 -3.16
CA ALA A 267 -4.00 15.91 -4.48
C ALA A 267 -3.14 14.91 -5.22
N ASP A 268 -1.87 15.17 -5.47
CA ASP A 268 -1.05 14.21 -6.18
C ASP A 268 -1.07 12.83 -5.54
N ASN A 269 -1.06 12.79 -4.19
CA ASN A 269 -1.24 11.53 -3.42
C ASN A 269 -2.57 10.82 -3.70
N THR A 270 -3.71 11.53 -3.63
CA THR A 270 -4.98 10.94 -4.01
C THR A 270 -4.98 10.46 -5.48
N ASP A 271 -4.63 11.29 -6.49
CA ASP A 271 -4.61 10.87 -7.91
C ASP A 271 -3.74 9.65 -8.10
N PHE A 272 -2.62 9.61 -7.36
CA PHE A 272 -1.79 8.43 -7.40
C PHE A 272 -2.61 7.23 -6.98
N ALA A 273 -3.25 7.19 -5.79
CA ALA A 273 -4.08 6.05 -5.35
C ALA A 273 -5.10 5.58 -6.35
N ASN A 274 -5.75 6.59 -7.01
CA ASN A 274 -6.82 6.26 -7.93
C ASN A 274 -6.40 5.77 -9.35
N LYS A 275 -5.18 6.11 -9.82
CA LYS A 275 -4.81 5.92 -11.23
C LYS A 275 -3.62 5.00 -11.46
N SER A 276 -2.85 4.72 -10.44
CA SER A 276 -1.60 3.98 -10.52
C SER A 276 -1.73 2.49 -10.73
N GLY A 277 -2.85 2.00 -10.25
CA GLY A 277 -3.01 0.56 -10.26
C GLY A 277 -2.48 -0.03 -8.98
N MET A 278 -2.19 0.87 -7.98
CA MET A 278 -1.80 0.46 -6.62
C MET A 278 -2.44 1.34 -5.55
N SER A 279 -2.42 0.83 -4.33
CA SER A 279 -2.91 1.41 -3.10
C SER A 279 -1.77 2.14 -2.38
N LEU A 280 -1.96 2.89 -1.29
CA LEU A 280 -0.84 3.51 -0.63
C LEU A 280 -1.00 3.31 0.87
N LEU A 281 0.15 3.40 1.58
CA LEU A 281 0.19 3.51 3.04
C LEU A 281 -0.50 4.83 3.43
N ASP A 282 -1.33 4.72 4.46
CA ASP A 282 -2.22 5.79 4.89
C ASP A 282 -1.66 6.66 6.00
N PHE A 283 -0.92 7.56 5.37
CA PHE A 283 -0.21 8.60 6.07
C PHE A 283 -1.11 9.64 6.64
N ARG A 284 -2.26 9.88 6.01
CA ARG A 284 -3.15 10.85 6.58
C ARG A 284 -3.97 10.27 7.76
N PHE A 285 -4.27 8.98 7.79
CA PHE A 285 -4.94 8.35 8.93
C PHE A 285 -3.91 8.33 10.08
N ASN A 286 -2.65 8.00 9.81
CA ASN A 286 -1.57 8.10 10.77
C ASN A 286 -1.40 9.48 11.42
N SER A 287 -1.46 10.52 10.61
CA SER A 287 -1.43 11.82 11.22
C SER A 287 -2.58 12.03 12.24
N ALA A 288 -3.84 11.66 11.89
CA ALA A 288 -4.94 11.78 12.84
C ALA A 288 -4.79 10.91 14.14
N VAL A 289 -4.37 9.68 13.98
CA VAL A 289 -4.23 8.74 15.08
C VAL A 289 -3.14 9.16 16.05
N ARG A 290 -2.10 9.83 15.57
CA ARG A 290 -1.09 10.31 16.46
C ARG A 290 -1.61 11.59 17.07
N ASN A 291 -2.26 12.50 16.34
CA ASN A 291 -2.73 13.75 16.94
C ASN A 291 -3.69 13.62 18.09
N VAL A 292 -4.65 12.73 17.90
CA VAL A 292 -5.61 12.52 18.98
C VAL A 292 -5.09 11.61 20.08
N PHE A 293 -4.49 10.50 19.75
CA PHE A 293 -4.10 9.59 20.82
C PHE A 293 -2.73 9.83 21.44
N ARG A 294 -1.67 10.16 20.73
CA ARG A 294 -0.35 10.39 21.33
C ARG A 294 -0.07 11.82 21.76
N ASP A 295 -0.38 12.72 20.88
CA ASP A 295 0.08 14.09 21.00
C ASP A 295 -0.93 15.13 21.49
N ASN A 296 -2.24 14.89 21.53
CA ASN A 296 -3.19 15.74 22.21
C ASN A 296 -3.23 17.17 21.62
N THR A 297 -2.90 17.22 20.35
CA THR A 297 -2.89 18.40 19.53
C THR A 297 -4.30 18.40 18.92
N SER A 298 -4.88 17.25 18.57
CA SER A 298 -6.24 17.27 18.06
C SER A 298 -7.23 16.47 18.89
N ASN A 299 -8.53 16.69 18.69
CA ASN A 299 -9.54 15.97 19.44
C ASN A 299 -10.47 15.09 18.63
N MET A 300 -11.34 14.31 19.22
CA MET A 300 -12.25 13.41 18.54
C MET A 300 -12.86 13.82 17.23
N TYR A 301 -13.05 15.12 17.09
CA TYR A 301 -13.50 15.62 15.83
C TYR A 301 -12.47 15.30 14.74
N ALA A 302 -11.20 15.62 14.83
CA ALA A 302 -10.16 15.39 13.81
C ALA A 302 -10.18 14.02 13.16
N LEU A 303 -10.27 13.04 14.06
CA LEU A 303 -10.34 11.63 13.74
C LEU A 303 -11.56 11.37 12.84
N ASP A 304 -12.73 11.77 13.26
CA ASP A 304 -13.93 11.61 12.44
C ASP A 304 -13.84 12.28 11.09
N SER A 305 -13.33 13.53 10.99
CA SER A 305 -13.19 14.19 9.67
C SER A 305 -12.25 13.36 8.80
N MET A 306 -11.09 12.95 9.38
CA MET A 306 -10.11 12.20 8.63
C MET A 306 -10.81 10.97 8.07
N ILE A 307 -11.54 10.21 8.88
CA ILE A 307 -12.37 9.10 8.36
C ILE A 307 -13.14 9.54 7.11
N ASN A 308 -13.90 10.63 7.30
CA ASN A 308 -14.74 11.16 6.18
C ASN A 308 -14.03 11.70 4.93
N SER A 309 -12.87 12.33 5.05
CA SER A 309 -12.26 12.88 3.87
C SER A 309 -11.57 11.72 3.17
N THR A 310 -10.92 10.79 3.89
CA THR A 310 -10.26 9.72 3.19
C THR A 310 -11.31 8.87 2.51
N ALA A 311 -12.47 8.65 3.13
CA ALA A 311 -13.57 7.91 2.52
C ALA A 311 -14.05 8.59 1.21
N THR A 312 -13.98 9.90 1.16
CA THR A 312 -14.30 10.66 -0.02
C THR A 312 -13.16 10.78 -1.00
N ASP A 313 -11.89 10.77 -0.60
CA ASP A 313 -10.85 11.03 -1.58
C ASP A 313 -10.43 9.91 -2.48
N TYR A 314 -10.44 8.75 -1.82
CA TYR A 314 -9.92 7.53 -2.34
C TYR A 314 -10.93 6.64 -3.07
N ASN A 315 -10.55 6.23 -4.27
CA ASN A 315 -11.48 5.38 -4.98
C ASN A 315 -11.83 4.11 -4.23
N GLN A 316 -10.87 3.46 -3.59
CA GLN A 316 -11.20 2.33 -2.80
C GLN A 316 -10.51 2.46 -1.45
N VAL A 317 -11.07 3.29 -0.54
CA VAL A 317 -10.47 3.51 0.76
C VAL A 317 -10.07 2.24 1.53
N ASN A 318 -10.77 1.11 1.34
CA ASN A 318 -10.57 -0.17 1.98
C ASN A 318 -9.32 -0.91 1.69
N ASP A 319 -8.63 -0.51 0.66
CA ASP A 319 -7.33 -1.05 0.33
C ASP A 319 -6.22 -0.31 1.01
N GLN A 320 -6.37 0.90 1.48
CA GLN A 320 -5.33 1.68 2.09
C GLN A 320 -4.72 1.19 3.45
N VAL A 321 -3.41 1.19 3.67
CA VAL A 321 -2.83 0.57 4.85
C VAL A 321 -2.46 1.50 6.00
N THR A 322 -3.27 1.25 7.04
CA THR A 322 -3.30 2.09 8.22
C THR A 322 -2.30 1.63 9.24
N PHE A 323 -1.93 2.57 10.10
CA PHE A 323 -0.89 2.36 11.10
C PHE A 323 -0.74 3.53 12.10
N ILE A 324 -0.36 3.12 13.32
CA ILE A 324 -0.05 4.08 14.37
C ILE A 324 1.39 4.58 14.24
N ASP A 325 2.24 3.80 13.56
CA ASP A 325 3.64 4.11 13.30
C ASP A 325 4.52 3.18 12.42
N ASN A 326 5.77 3.55 12.27
CA ASN A 326 6.61 2.77 11.40
C ASN A 326 8.05 3.17 11.61
N HIS A 327 8.85 2.53 10.78
CA HIS A 327 10.29 2.65 10.73
C HIS A 327 10.78 4.02 10.27
N ASP A 328 9.91 5.00 9.95
CA ASP A 328 10.46 6.32 9.62
C ASP A 328 9.84 7.42 10.47
N MET A 329 9.09 7.12 11.50
CA MET A 329 8.73 8.18 12.42
C MET A 329 9.17 7.66 13.80
N ASP A 330 9.02 8.47 14.84
CA ASP A 330 9.34 7.98 16.17
C ASP A 330 8.22 7.08 16.60
N ARG A 331 8.67 6.08 17.39
CA ARG A 331 7.86 5.03 18.03
C ARG A 331 6.72 5.68 18.81
N PHE A 332 5.53 5.07 18.82
CA PHE A 332 4.36 5.67 19.40
C PHE A 332 4.56 5.85 20.89
N LYS A 333 5.07 4.83 21.57
CA LYS A 333 5.19 4.93 23.02
C LYS A 333 6.48 5.65 23.24
N THR A 334 6.29 6.62 24.11
CA THR A 334 7.31 7.53 24.64
C THR A 334 6.82 7.64 26.06
N SER A 335 7.73 7.95 26.93
CA SER A 335 7.49 8.17 28.33
C SER A 335 6.25 8.97 28.77
N ALA A 336 5.91 10.08 28.09
CA ALA A 336 4.71 10.82 28.42
C ALA A 336 3.44 10.07 27.92
N VAL A 337 3.54 9.27 26.83
CA VAL A 337 2.41 8.57 26.27
C VAL A 337 2.09 7.32 27.11
N ASN A 338 0.83 7.31 27.54
CA ASN A 338 0.31 6.26 28.36
C ASN A 338 0.13 4.94 27.60
N ASN A 339 0.13 3.78 28.27
CA ASN A 339 -0.12 2.47 27.63
C ASN A 339 -1.46 2.40 26.96
N ARG A 340 -2.47 2.82 27.76
CA ARG A 340 -3.80 2.89 27.27
C ARG A 340 -3.86 3.76 26.04
N ARG A 341 -3.11 4.84 25.94
CA ARG A 341 -3.21 5.55 24.66
C ARG A 341 -2.67 4.77 23.43
N LEU A 342 -1.55 4.04 23.53
CA LEU A 342 -1.06 3.12 22.50
C LEU A 342 -2.12 2.05 22.20
N GLU A 343 -2.62 1.38 23.24
CA GLU A 343 -3.68 0.36 23.26
C GLU A 343 -5.00 0.77 22.58
N GLN A 344 -5.35 2.03 22.75
CA GLN A 344 -6.56 2.57 22.16
C GLN A 344 -6.23 2.83 20.72
N ALA A 345 -5.11 3.49 20.43
CA ALA A 345 -4.67 3.61 19.06
C ALA A 345 -4.67 2.23 18.34
N LEU A 346 -4.27 1.12 19.00
CA LEU A 346 -4.28 -0.20 18.33
C LEU A 346 -5.67 -0.68 18.06
N ALA A 347 -6.44 -0.70 19.15
CA ALA A 347 -7.87 -0.98 19.21
C ALA A 347 -8.59 -0.40 18.00
N PHE A 348 -8.48 0.95 17.97
CA PHE A 348 -9.00 1.85 16.96
C PHE A 348 -8.56 1.33 15.63
N THR A 349 -7.25 1.27 15.33
CA THR A 349 -6.73 0.90 14.02
C THR A 349 -7.23 -0.46 13.56
N LEU A 350 -7.24 -1.50 14.43
CA LEU A 350 -7.67 -2.83 14.07
C LEU A 350 -9.12 -2.79 13.68
N THR A 351 -9.94 -2.14 14.49
CA THR A 351 -11.35 -2.04 14.11
C THR A 351 -11.68 -1.11 12.95
N SER A 352 -10.84 -0.18 12.57
CA SER A 352 -11.12 0.73 11.48
C SER A 352 -11.04 0.15 10.05
N ARG A 353 -11.47 0.99 9.11
CA ARG A 353 -11.48 0.69 7.71
C ARG A 353 -10.05 0.63 7.13
N GLY A 354 -9.90 0.02 5.95
CA GLY A 354 -8.58 -0.11 5.29
C GLY A 354 -7.97 -1.41 5.74
N VAL A 355 -6.66 -1.61 5.62
CA VAL A 355 -5.86 -2.79 5.96
C VAL A 355 -4.88 -2.44 7.08
N PRO A 356 -4.93 -2.93 8.33
CA PRO A 356 -4.10 -2.57 9.48
C PRO A 356 -2.75 -3.21 9.51
N ALA A 357 -1.72 -2.44 9.77
CA ALA A 357 -0.39 -3.00 9.86
C ALA A 357 0.11 -2.65 11.23
N ILE A 358 1.01 -3.45 11.80
CA ILE A 358 1.67 -3.15 13.06
C ILE A 358 3.17 -3.30 12.85
N TYR A 359 3.95 -2.28 13.17
CA TYR A 359 5.40 -2.33 13.09
C TYR A 359 5.83 -3.05 14.38
N TYR A 360 6.81 -4.01 14.26
CA TYR A 360 7.20 -4.99 15.27
C TYR A 360 7.54 -4.50 16.71
N GLY A 361 7.12 -5.35 17.68
CA GLY A 361 7.30 -5.04 19.09
C GLY A 361 6.38 -3.88 19.57
N THR A 362 5.27 -3.53 18.90
CA THR A 362 4.34 -2.58 19.47
C THR A 362 3.62 -3.38 20.54
N GLU A 363 3.54 -4.71 20.51
CA GLU A 363 2.98 -5.49 21.62
C GLU A 363 3.90 -5.40 22.83
N GLN A 364 5.16 -5.26 22.52
CA GLN A 364 6.15 -5.11 23.56
C GLN A 364 6.34 -3.66 23.98
N TYR A 365 5.41 -2.71 23.75
CA TYR A 365 5.58 -1.27 23.98
C TYR A 365 7.00 -0.65 23.79
N LEU A 366 7.67 -1.03 22.70
CA LEU A 366 8.98 -0.54 22.33
C LEU A 366 9.16 0.97 22.13
N THR A 367 10.26 1.56 22.67
CA THR A 367 10.51 2.98 22.41
C THR A 367 11.62 3.22 21.42
N GLY A 368 12.02 4.44 21.19
CA GLY A 368 12.99 4.69 20.18
C GLY A 368 12.52 5.80 19.30
N ASN A 369 13.25 6.89 19.34
CA ASN A 369 12.83 8.07 18.61
C ASN A 369 13.86 8.33 17.51
N GLY A 370 13.31 8.59 16.32
CA GLY A 370 14.11 8.89 15.14
C GLY A 370 14.81 7.65 14.60
N ASP A 371 15.59 7.77 13.53
CA ASP A 371 16.25 6.65 12.87
C ASP A 371 17.74 6.78 13.13
N PRO A 372 18.41 5.75 13.68
CA PRO A 372 17.84 4.45 13.90
C PRO A 372 17.15 4.13 15.20
N ASP A 373 16.98 4.99 16.21
CA ASP A 373 16.48 4.46 17.47
C ASP A 373 15.09 3.86 17.49
N ASN A 374 14.30 4.18 16.47
CA ASN A 374 13.03 3.57 16.23
C ASN A 374 13.24 2.17 15.64
N ARG A 375 14.39 1.74 15.14
CA ARG A 375 14.65 0.36 14.71
C ARG A 375 15.44 -0.57 15.66
N ALA A 376 15.06 -0.83 16.93
CA ALA A 376 15.79 -1.73 17.81
C ALA A 376 15.56 -3.23 17.70
N LYS A 377 16.48 -4.02 18.31
CA LYS A 377 16.34 -5.47 18.38
C LYS A 377 15.14 -5.76 19.25
N MET A 378 14.22 -6.47 18.65
CA MET A 378 12.99 -6.92 19.27
C MET A 378 13.23 -7.49 20.68
N PRO A 379 12.69 -6.84 21.76
CA PRO A 379 13.02 -7.09 23.17
C PRO A 379 12.59 -8.40 23.83
N SER A 380 11.33 -8.85 23.80
CA SER A 380 10.96 -10.17 24.31
C SER A 380 9.82 -10.64 23.45
N PHE A 381 9.46 -11.93 23.60
CA PHE A 381 8.33 -12.50 22.89
C PHE A 381 7.32 -12.81 23.96
N SER A 382 6.91 -11.84 24.79
CA SER A 382 5.94 -12.22 25.81
C SER A 382 4.56 -12.15 25.21
N LYS A 383 3.65 -12.98 25.72
CA LYS A 383 2.28 -13.02 25.21
C LYS A 383 1.48 -12.58 26.43
N SER A 384 2.06 -11.71 27.24
CA SER A 384 1.43 -11.31 28.48
C SER A 384 0.95 -9.88 28.51
N THR A 385 1.26 -8.93 27.60
CA THR A 385 0.74 -7.58 27.74
C THR A 385 -0.72 -7.20 27.42
N THR A 386 -1.22 -6.01 27.79
CA THR A 386 -2.57 -5.64 27.48
C THR A 386 -2.59 -5.28 26.00
N ALA A 387 -1.57 -4.67 25.40
CA ALA A 387 -1.48 -4.52 23.93
C ALA A 387 -1.45 -5.92 23.21
N PHE A 388 -0.75 -6.93 23.80
CA PHE A 388 -0.71 -8.26 23.21
C PHE A 388 -2.13 -8.83 23.19
N ASN A 389 -2.81 -8.66 24.32
CA ASN A 389 -4.19 -9.13 24.48
C ASN A 389 -5.21 -8.45 23.53
N VAL A 390 -5.23 -7.13 23.57
CA VAL A 390 -6.04 -6.36 22.63
C VAL A 390 -5.84 -6.75 21.13
N ILE A 391 -4.59 -7.04 20.67
CA ILE A 391 -4.38 -7.32 19.25
C ILE A 391 -4.97 -8.67 18.89
N SER A 392 -4.84 -9.63 19.81
CA SER A 392 -5.27 -11.02 19.54
C SER A 392 -6.76 -11.25 19.70
N LYS A 393 -7.36 -10.34 20.46
CA LYS A 393 -8.78 -10.41 20.65
C LYS A 393 -9.45 -9.81 19.48
N LEU A 394 -8.95 -8.64 19.07
CA LEU A 394 -9.58 -7.87 18.03
C LEU A 394 -9.26 -8.21 16.58
N ALA A 395 -8.02 -8.50 16.21
CA ALA A 395 -7.66 -8.69 14.81
C ALA A 395 -8.41 -9.86 14.20
N PRO A 396 -8.75 -10.99 14.87
CA PRO A 396 -9.70 -12.00 14.36
C PRO A 396 -11.06 -11.57 13.81
N LEU A 397 -11.53 -10.40 14.24
CA LEU A 397 -12.86 -10.00 13.81
C LEU A 397 -12.81 -9.63 12.34
N ARG A 398 -11.61 -9.28 11.86
CA ARG A 398 -11.47 -8.88 10.48
C ARG A 398 -11.78 -10.00 9.55
N LYS A 399 -11.44 -11.18 10.01
CA LYS A 399 -11.81 -12.38 9.28
C LYS A 399 -13.26 -12.73 9.63
N SER A 400 -13.60 -13.13 10.88
CA SER A 400 -14.97 -13.51 11.21
C SER A 400 -16.13 -12.53 10.94
N ASN A 401 -15.92 -11.22 10.96
CA ASN A 401 -16.95 -10.19 10.81
C ASN A 401 -16.64 -9.27 9.63
N PRO A 402 -17.46 -9.43 8.56
CA PRO A 402 -17.27 -8.74 7.28
C PRO A 402 -17.55 -7.23 7.35
N ALA A 403 -18.25 -6.83 8.43
CA ALA A 403 -18.48 -5.42 8.73
C ALA A 403 -17.15 -4.70 9.01
N ILE A 404 -16.24 -5.34 9.77
CA ILE A 404 -14.90 -4.82 10.08
C ILE A 404 -14.05 -4.85 8.81
N ALA A 405 -14.14 -5.97 8.10
CA ALA A 405 -13.39 -6.19 6.88
C ALA A 405 -13.79 -5.38 5.64
N TYR A 406 -15.04 -4.96 5.46
CA TYR A 406 -15.43 -4.25 4.25
C TYR A 406 -16.42 -3.14 4.47
N GLY A 407 -16.94 -3.10 5.70
CA GLY A 407 -18.08 -2.27 5.96
C GLY A 407 -17.79 -0.78 5.96
N SER A 408 -18.94 -0.14 6.04
CA SER A 408 -19.19 1.29 6.09
C SER A 408 -18.74 1.84 7.45
N THR A 409 -18.57 3.14 7.69
CA THR A 409 -18.22 3.74 8.99
C THR A 409 -19.09 4.92 9.35
N GLN A 410 -19.85 4.72 10.40
CA GLN A 410 -20.74 5.74 10.92
C GLN A 410 -20.41 6.15 12.32
N GLN A 411 -20.61 7.44 12.47
CA GLN A 411 -20.47 8.13 13.73
C GLN A 411 -21.77 7.92 14.46
N ARG A 412 -21.70 7.52 15.70
CA ARG A 412 -22.93 7.45 16.44
C ARG A 412 -22.92 8.40 17.63
N TRP A 413 -21.73 8.81 18.11
CA TRP A 413 -21.59 9.67 19.27
C TRP A 413 -20.14 10.20 19.37
N ILE A 414 -20.04 11.51 19.66
CA ILE A 414 -18.78 12.20 19.71
C ILE A 414 -18.88 13.52 20.48
N ASN A 415 -17.83 13.76 21.22
CA ASN A 415 -17.50 15.03 21.82
C ASN A 415 -15.98 15.01 21.80
N ASN A 416 -15.29 16.07 22.22
CA ASN A 416 -13.84 16.18 22.30
C ASN A 416 -13.09 14.90 22.71
N ASP A 417 -13.54 14.14 23.72
CA ASP A 417 -12.80 12.94 23.99
C ASP A 417 -13.56 11.61 23.82
N VAL A 418 -14.77 11.60 23.27
CA VAL A 418 -15.52 10.35 23.16
C VAL A 418 -15.96 10.18 21.71
N TYR A 419 -15.72 8.96 21.20
CA TYR A 419 -16.08 8.59 19.88
C TYR A 419 -16.70 7.18 19.89
N VAL A 420 -17.91 7.05 19.35
CA VAL A 420 -18.59 5.79 19.25
C VAL A 420 -18.93 5.79 17.80
N TYR A 421 -18.51 4.74 17.09
CA TYR A 421 -18.70 4.58 15.67
C TYR A 421 -19.10 3.17 15.31
N GLU A 422 -19.64 3.01 14.11
CA GLU A 422 -20.33 1.82 13.75
C GLU A 422 -19.75 1.40 12.45
N ARG A 423 -19.61 0.10 12.32
CA ARG A 423 -19.18 -0.51 11.09
C ARG A 423 -20.33 -1.41 10.73
N LYS A 424 -20.81 -1.33 9.50
CA LYS A 424 -21.93 -2.13 9.10
C LYS A 424 -21.64 -2.68 7.74
N PHE A 425 -21.90 -3.98 7.52
CA PHE A 425 -21.86 -4.59 6.19
C PHE A 425 -23.12 -5.41 6.10
N GLY A 426 -24.04 -4.99 5.21
CA GLY A 426 -25.31 -5.67 5.07
C GLY A 426 -25.98 -5.83 6.44
N LYS A 427 -26.21 -7.06 6.92
CA LYS A 427 -26.85 -7.25 8.22
C LYS A 427 -25.85 -7.24 9.35
N SER A 428 -24.55 -7.39 9.15
CA SER A 428 -23.55 -7.42 10.18
C SER A 428 -23.15 -6.04 10.68
N VAL A 429 -23.09 -5.86 11.99
CA VAL A 429 -22.80 -4.60 12.62
C VAL A 429 -21.61 -4.85 13.53
N ALA A 430 -21.04 -3.71 13.97
CA ALA A 430 -20.02 -3.59 15.01
C ALA A 430 -20.09 -2.17 15.48
N VAL A 431 -20.08 -1.94 16.80
CA VAL A 431 -19.97 -0.61 17.31
C VAL A 431 -18.74 -0.67 18.20
N VAL A 432 -17.82 0.29 18.01
CA VAL A 432 -16.65 0.52 18.82
C VAL A 432 -16.98 1.81 19.63
N ALA A 433 -16.74 1.89 20.94
CA ALA A 433 -16.95 3.10 21.77
C ALA A 433 -15.57 3.50 22.31
N VAL A 434 -15.09 4.75 22.36
CA VAL A 434 -13.78 5.09 22.90
C VAL A 434 -13.91 6.46 23.60
N ASN A 435 -13.49 6.42 24.88
CA ASN A 435 -13.31 7.56 25.78
C ASN A 435 -11.78 7.79 25.82
N ARG A 436 -11.10 8.69 25.09
CA ARG A 436 -9.62 8.84 25.32
C ARG A 436 -9.19 9.48 26.65
N ASN A 437 -10.15 9.97 27.44
CA ASN A 437 -9.86 10.69 28.66
C ASN A 437 -9.48 9.71 29.76
N LEU A 438 -8.28 9.83 30.32
CA LEU A 438 -7.77 8.94 31.35
C LEU A 438 -8.15 9.26 32.81
N SER A 439 -9.10 10.13 33.07
CA SER A 439 -9.51 10.50 34.44
C SER A 439 -11.02 10.71 34.58
N THR A 440 -11.73 11.19 33.54
CA THR A 440 -13.17 11.30 33.70
C THR A 440 -13.88 10.21 32.91
N SER A 441 -14.92 9.66 33.51
CA SER A 441 -15.81 8.72 32.86
C SER A 441 -16.91 9.59 32.22
N ALA A 442 -17.78 9.00 31.41
CA ALA A 442 -18.65 9.74 30.52
C ALA A 442 -19.95 9.02 30.32
N SER A 443 -21.06 9.69 30.63
CA SER A 443 -22.37 9.10 30.40
C SER A 443 -22.74 9.28 28.94
N ILE A 444 -23.15 8.19 28.35
CA ILE A 444 -23.58 8.18 26.98
C ILE A 444 -25.07 8.07 27.23
N THR A 445 -25.84 9.06 26.78
CA THR A 445 -27.29 8.97 26.84
C THR A 445 -27.84 9.29 25.47
N GLY A 446 -28.72 8.44 24.93
CA GLY A 446 -29.26 8.69 23.60
C GLY A 446 -28.49 8.06 22.46
N LEU A 447 -27.83 6.91 22.66
CA LEU A 447 -27.06 6.27 21.62
C LEU A 447 -27.96 5.35 20.82
N SER A 448 -27.92 5.37 19.50
CA SER A 448 -28.77 4.54 18.66
C SER A 448 -27.84 3.88 17.68
N THR A 449 -27.84 2.59 17.69
CA THR A 449 -27.02 1.86 16.80
C THR A 449 -27.98 1.06 15.93
N SER A 450 -27.37 0.37 14.99
CA SER A 450 -28.15 -0.44 14.16
C SER A 450 -27.77 -1.90 14.46
N LEU A 451 -27.53 -2.13 15.76
CA LEU A 451 -27.34 -3.43 16.36
C LEU A 451 -28.79 -3.84 16.59
N PRO A 452 -29.24 -5.07 16.32
CA PRO A 452 -30.54 -5.58 16.68
C PRO A 452 -30.75 -5.71 18.19
N THR A 453 -31.99 -5.86 18.64
CA THR A 453 -32.30 -6.00 20.05
C THR A 453 -31.64 -7.17 20.76
N GLY A 454 -30.95 -6.91 21.91
CA GLY A 454 -30.36 -7.92 22.75
C GLY A 454 -29.38 -7.35 23.80
N SER A 455 -28.68 -8.17 24.56
CA SER A 455 -27.59 -7.67 25.37
C SER A 455 -26.24 -7.88 24.63
N TYR A 456 -25.38 -6.89 24.44
CA TYR A 456 -24.14 -7.15 23.76
C TYR A 456 -22.99 -6.97 24.74
N THR A 457 -22.24 -8.07 24.82
CA THR A 457 -21.03 -8.12 25.59
C THR A 457 -19.81 -7.52 24.89
N ASP A 458 -18.98 -6.81 25.66
CA ASP A 458 -17.72 -6.23 25.19
C ASP A 458 -16.85 -7.39 24.74
N VAL A 459 -16.40 -7.28 23.52
CA VAL A 459 -15.65 -8.26 22.81
C VAL A 459 -14.29 -8.34 23.45
N LEU A 460 -13.82 -7.21 23.98
CA LEU A 460 -12.51 -7.22 24.65
C LEU A 460 -12.60 -7.81 26.05
N GLY A 461 -13.77 -8.25 26.52
CA GLY A 461 -13.93 -8.84 27.85
C GLY A 461 -13.58 -7.95 29.05
N GLY A 462 -13.54 -6.66 28.77
CA GLY A 462 -13.24 -5.71 29.78
C GLY A 462 -11.75 -5.48 29.85
N VAL A 463 -10.87 -5.93 28.98
CA VAL A 463 -9.45 -5.63 29.16
C VAL A 463 -9.14 -4.13 29.08
N LEU A 464 -10.04 -3.38 28.44
CA LEU A 464 -9.88 -1.97 28.23
C LEU A 464 -11.02 -1.26 28.92
N ASN A 465 -11.38 -1.84 30.07
CA ASN A 465 -12.47 -1.39 30.95
C ASN A 465 -13.83 -1.23 30.26
N GLY A 466 -14.04 -2.15 29.30
CA GLY A 466 -15.24 -2.18 28.53
C GLY A 466 -16.35 -2.75 29.38
N ASN A 467 -17.52 -2.17 29.16
CA ASN A 467 -18.74 -2.53 29.85
C ASN A 467 -19.67 -3.24 28.88
N ASN A 468 -20.91 -3.56 29.25
CA ASN A 468 -21.85 -4.18 28.31
C ASN A 468 -23.05 -3.29 28.15
N ILE A 469 -23.77 -3.52 27.04
CA ILE A 469 -24.90 -2.71 26.67
C ILE A 469 -26.09 -3.61 26.32
N THR A 470 -27.23 -2.96 25.99
CA THR A 470 -28.46 -3.62 25.57
C THR A 470 -29.15 -2.85 24.44
N SER A 471 -29.39 -3.44 23.27
CA SER A 471 -30.06 -2.76 22.18
C SER A 471 -31.53 -3.00 22.29
N THR A 472 -32.37 -2.00 22.15
CA THR A 472 -33.78 -2.24 22.10
C THR A 472 -34.26 -1.39 20.94
N ASN A 473 -34.00 -2.22 19.95
CA ASN A 473 -34.23 -1.96 18.56
C ASN A 473 -33.27 -0.97 18.00
N GLY A 474 -32.09 -0.96 18.59
CA GLY A 474 -31.03 -0.09 18.15
C GLY A 474 -30.69 0.86 19.24
N SER A 475 -31.69 1.30 20.01
CA SER A 475 -31.44 2.25 21.06
C SER A 475 -30.93 1.60 22.30
N ILE A 476 -29.76 2.13 22.55
CA ILE A 476 -28.93 1.66 23.63
C ILE A 476 -29.31 2.39 24.90
N ASN A 477 -29.36 1.62 25.96
CA ASN A 477 -29.72 2.22 27.23
C ASN A 477 -28.54 2.91 27.88
N ASN A 478 -28.90 4.03 28.47
CA ASN A 478 -27.95 4.92 29.16
C ASN A 478 -26.88 4.20 29.96
N PHE A 479 -25.64 4.71 29.80
CA PHE A 479 -24.48 4.10 30.43
C PHE A 479 -23.31 5.03 30.56
N THR A 480 -22.52 4.71 31.59
CA THR A 480 -21.25 5.32 31.84
C THR A 480 -20.21 4.53 31.09
N LEU A 481 -19.46 5.15 30.16
CA LEU A 481 -18.26 4.63 29.53
C LEU A 481 -17.16 5.13 30.47
N ALA A 482 -16.37 4.21 31.00
CA ALA A 482 -15.33 4.52 31.98
C ALA A 482 -14.16 5.36 31.51
N ALA A 483 -13.30 5.79 32.43
CA ALA A 483 -12.12 6.51 32.06
C ALA A 483 -11.20 5.59 31.26
N GLY A 484 -10.83 6.15 30.11
CA GLY A 484 -9.85 5.56 29.21
C GLY A 484 -10.42 4.27 28.68
N ALA A 485 -11.74 4.07 28.75
CA ALA A 485 -12.26 2.83 28.34
C ALA A 485 -12.37 2.77 26.84
N THR A 486 -12.61 1.53 26.40
CA THR A 486 -13.02 1.23 25.06
C THR A 486 -13.63 -0.20 25.12
N ALA A 487 -14.69 -0.07 24.31
CA ALA A 487 -15.64 -1.10 24.08
C ALA A 487 -15.76 -1.46 22.61
N VAL A 488 -16.16 -2.72 22.34
CA VAL A 488 -16.48 -3.18 20.99
C VAL A 488 -17.62 -4.14 21.33
N TRP A 489 -18.72 -4.06 20.62
CA TRP A 489 -19.88 -4.95 20.79
C TRP A 489 -20.28 -5.25 19.33
N GLN A 490 -20.58 -6.49 18.88
CA GLN A 490 -20.80 -6.70 17.47
C GLN A 490 -21.92 -7.63 17.19
N TYR A 491 -22.31 -7.72 15.91
CA TYR A 491 -23.36 -8.64 15.53
C TYR A 491 -23.21 -9.20 14.10
N THR A 492 -23.19 -10.53 13.92
CA THR A 492 -23.19 -11.11 12.58
C THR A 492 -24.20 -12.24 12.40
N THR A 493 -24.56 -12.37 11.12
CA THR A 493 -25.47 -13.38 10.61
C THR A 493 -25.34 -13.43 9.09
N ALA A 494 -25.74 -14.60 8.59
CA ALA A 494 -25.66 -14.90 7.17
C ALA A 494 -26.39 -13.97 6.22
N GLU A 495 -25.58 -13.42 5.32
CA GLU A 495 -26.15 -12.62 4.26
C GLU A 495 -26.74 -13.70 3.30
N THR A 496 -27.73 -13.30 2.52
CA THR A 496 -28.58 -14.08 1.63
C THR A 496 -28.93 -13.14 0.46
N THR A 497 -27.93 -12.40 0.02
CA THR A 497 -28.06 -11.42 -1.03
C THR A 497 -26.62 -11.34 -1.49
N PRO A 498 -26.34 -11.39 -2.77
CA PRO A 498 -25.03 -11.04 -3.30
C PRO A 498 -24.65 -9.65 -2.81
N THR A 499 -23.52 -9.51 -2.11
CA THR A 499 -23.07 -8.17 -1.79
C THR A 499 -21.54 -8.20 -1.84
N ILE A 500 -21.03 -7.38 -2.80
CA ILE A 500 -19.60 -7.21 -3.16
C ILE A 500 -18.86 -6.42 -2.08
N GLY A 501 -18.03 -7.21 -1.39
CA GLY A 501 -17.21 -6.70 -0.33
C GLY A 501 -16.01 -5.93 -0.84
N HIS A 502 -15.30 -6.59 -1.72
CA HIS A 502 -14.03 -6.08 -2.21
C HIS A 502 -13.92 -6.53 -3.64
N VAL A 503 -13.09 -5.90 -4.44
CA VAL A 503 -12.74 -6.45 -5.76
C VAL A 503 -11.24 -6.29 -5.78
N GLY A 504 -10.41 -7.15 -6.32
CA GLY A 504 -8.96 -6.96 -6.39
C GLY A 504 -8.44 -7.80 -7.53
N PRO A 505 -7.44 -7.35 -8.28
CA PRO A 505 -7.09 -5.96 -8.55
C PRO A 505 -8.20 -5.10 -9.12
N VAL A 506 -8.09 -3.77 -9.19
CA VAL A 506 -9.18 -2.98 -9.78
C VAL A 506 -8.83 -2.47 -11.16
N MET A 507 -7.75 -2.92 -11.76
CA MET A 507 -7.37 -2.40 -13.05
C MET A 507 -6.70 -3.52 -13.79
N GLY A 508 -7.00 -3.76 -15.06
CA GLY A 508 -6.34 -4.77 -15.87
C GLY A 508 -6.84 -4.72 -17.33
N LYS A 509 -6.22 -5.49 -18.23
CA LYS A 509 -6.66 -5.65 -19.62
C LYS A 509 -7.65 -6.85 -19.72
N PRO A 510 -8.50 -6.99 -20.79
CA PRO A 510 -9.20 -8.21 -21.16
C PRO A 510 -8.30 -9.43 -20.97
N GLY A 511 -8.94 -10.52 -20.53
CA GLY A 511 -8.21 -11.74 -20.22
C GLY A 511 -7.60 -11.83 -18.82
N ASN A 512 -7.34 -10.76 -18.05
CA ASN A 512 -6.80 -10.86 -16.69
C ASN A 512 -7.83 -11.42 -15.69
N VAL A 513 -7.53 -12.08 -14.60
CA VAL A 513 -8.59 -12.53 -13.73
C VAL A 513 -8.54 -11.80 -12.39
N VAL A 514 -9.71 -11.33 -11.99
CA VAL A 514 -9.88 -10.64 -10.77
C VAL A 514 -10.62 -11.57 -9.82
N THR A 515 -10.68 -11.08 -8.58
CA THR A 515 -11.24 -11.75 -7.44
C THR A 515 -12.27 -10.84 -6.84
N ILE A 516 -13.45 -11.35 -6.48
CA ILE A 516 -14.50 -10.50 -5.97
C ILE A 516 -14.84 -11.03 -4.60
N ASP A 517 -14.52 -10.37 -3.50
CA ASP A 517 -14.78 -10.93 -2.17
C ASP A 517 -16.08 -10.33 -1.74
N GLY A 518 -16.85 -11.01 -0.93
CA GLY A 518 -18.19 -10.51 -0.56
C GLY A 518 -18.88 -11.50 0.33
N ARG A 519 -20.15 -11.35 0.48
CA ARG A 519 -20.98 -12.26 1.26
C ARG A 519 -22.16 -12.69 0.42
N GLY A 520 -22.92 -13.73 0.85
CA GLY A 520 -24.16 -14.13 0.21
C GLY A 520 -24.22 -14.28 -1.30
N PHE A 521 -23.12 -14.68 -1.95
CA PHE A 521 -23.09 -14.93 -3.40
C PHE A 521 -23.68 -16.29 -3.79
N GLY A 522 -23.93 -17.20 -2.85
CA GLY A 522 -24.33 -18.57 -3.21
C GLY A 522 -23.22 -19.38 -3.91
N SER A 523 -23.57 -20.55 -4.44
CA SER A 523 -22.63 -21.50 -5.07
C SER A 523 -23.05 -21.94 -6.48
N THR A 524 -23.94 -21.18 -7.07
CA THR A 524 -24.46 -21.48 -8.36
C THR A 524 -24.11 -20.30 -9.25
N LYS A 525 -23.03 -20.64 -9.98
CA LYS A 525 -22.44 -19.86 -11.04
C LYS A 525 -23.58 -19.09 -11.72
N GLY A 526 -23.52 -17.81 -11.39
CA GLY A 526 -24.47 -16.81 -11.84
C GLY A 526 -23.79 -15.91 -12.87
N THR A 527 -24.23 -14.67 -12.98
CA THR A 527 -23.57 -13.81 -13.93
C THR A 527 -22.96 -12.57 -13.28
N VAL A 528 -21.72 -12.35 -13.69
CA VAL A 528 -20.84 -11.26 -13.28
C VAL A 528 -20.99 -10.12 -14.29
N TYR A 529 -21.39 -8.92 -13.90
CA TYR A 529 -21.48 -7.79 -14.80
C TYR A 529 -20.36 -6.77 -14.79
N PHE A 530 -19.54 -6.73 -15.81
CA PHE A 530 -18.55 -5.70 -15.99
C PHE A 530 -19.26 -4.59 -16.74
N GLY A 531 -19.80 -3.76 -15.88
CA GLY A 531 -20.63 -2.65 -16.28
C GLY A 531 -21.98 -3.22 -16.66
N THR A 532 -22.08 -3.27 -17.97
CA THR A 532 -23.29 -3.67 -18.68
C THR A 532 -23.12 -5.04 -19.37
N THR A 533 -22.03 -5.74 -19.15
CA THR A 533 -21.72 -6.89 -19.91
C THR A 533 -21.77 -8.05 -18.95
N ALA A 534 -22.62 -9.03 -19.27
CA ALA A 534 -22.69 -10.27 -18.50
C ALA A 534 -21.54 -11.18 -18.84
N VAL A 535 -20.96 -11.76 -17.79
CA VAL A 535 -19.87 -12.72 -17.89
C VAL A 535 -20.52 -13.90 -17.15
N THR A 536 -20.45 -15.03 -17.82
CA THR A 536 -21.14 -16.23 -17.40
C THR A 536 -20.25 -17.45 -17.63
N GLY A 537 -20.77 -18.57 -17.15
CA GLY A 537 -20.26 -19.87 -17.51
C GLY A 537 -18.77 -20.08 -17.23
N ALA A 538 -18.09 -20.35 -18.34
CA ALA A 538 -16.69 -20.73 -18.28
C ALA A 538 -15.74 -19.56 -18.05
N ALA A 539 -16.23 -18.36 -18.43
CA ALA A 539 -15.44 -17.13 -18.23
C ALA A 539 -15.31 -16.85 -16.73
N ILE A 540 -16.27 -17.36 -15.94
CA ILE A 540 -16.14 -17.32 -14.50
C ILE A 540 -15.31 -18.54 -14.08
N THR A 541 -14.09 -18.35 -13.56
CA THR A 541 -13.23 -19.44 -13.17
C THR A 541 -13.65 -20.06 -11.83
N SER A 542 -14.13 -19.34 -10.79
CA SER A 542 -14.63 -19.95 -9.53
C SER A 542 -15.86 -19.22 -8.96
N TRP A 543 -16.81 -19.93 -8.32
CA TRP A 543 -17.95 -19.27 -7.69
C TRP A 543 -18.23 -20.02 -6.43
N GLU A 544 -18.13 -19.22 -5.39
CA GLU A 544 -18.28 -19.63 -4.01
C GLU A 544 -18.97 -18.47 -3.32
N ASP A 545 -19.59 -18.78 -2.17
CA ASP A 545 -20.38 -17.79 -1.44
C ASP A 545 -19.64 -16.51 -1.10
N THR A 546 -18.35 -16.63 -0.80
CA THR A 546 -17.60 -15.42 -0.59
C THR A 546 -16.60 -14.96 -1.67
N GLN A 547 -16.43 -15.71 -2.76
CA GLN A 547 -15.41 -15.32 -3.66
C GLN A 547 -15.67 -15.84 -5.03
N ILE A 548 -15.70 -14.89 -5.95
CA ILE A 548 -15.83 -15.28 -7.35
C ILE A 548 -14.55 -14.80 -8.01
N LYS A 549 -14.16 -15.58 -9.00
CA LYS A 549 -12.99 -15.26 -9.78
C LYS A 549 -13.44 -15.31 -11.23
N VAL A 550 -12.98 -14.27 -11.95
CA VAL A 550 -13.48 -13.97 -13.30
C VAL A 550 -12.57 -13.14 -14.19
N THR A 551 -12.42 -13.71 -15.36
CA THR A 551 -11.73 -13.14 -16.50
C THR A 551 -12.37 -11.82 -16.91
N ILE A 552 -11.53 -10.90 -17.39
CA ILE A 552 -11.92 -9.58 -17.86
C ILE A 552 -12.46 -9.65 -19.30
N PRO A 553 -13.71 -9.31 -19.52
CA PRO A 553 -14.28 -9.35 -20.88
C PRO A 553 -13.54 -8.41 -21.84
N SER A 554 -13.57 -8.69 -23.13
CA SER A 554 -12.97 -7.81 -24.10
C SER A 554 -13.94 -6.65 -24.40
N VAL A 555 -14.01 -5.73 -23.45
CA VAL A 555 -14.81 -4.55 -23.64
C VAL A 555 -13.85 -3.42 -24.01
N ALA A 556 -14.41 -2.29 -24.44
CA ALA A 556 -13.69 -1.07 -24.74
C ALA A 556 -12.93 -0.70 -23.46
N ALA A 557 -11.80 -0.02 -23.37
CA ALA A 557 -11.18 0.14 -22.07
C ALA A 557 -11.93 1.29 -21.38
N GLY A 558 -11.83 1.40 -20.06
CA GLY A 558 -12.50 2.49 -19.40
C GLY A 558 -12.83 2.15 -17.97
N ASN A 559 -13.68 2.99 -17.43
CA ASN A 559 -14.04 2.84 -16.06
C ASN A 559 -15.41 2.16 -15.98
N TYR A 560 -15.41 1.08 -15.21
CA TYR A 560 -16.56 0.21 -15.05
C TYR A 560 -16.97 0.00 -13.64
N ALA A 561 -18.26 -0.25 -13.47
CA ALA A 561 -18.79 -0.65 -12.17
C ALA A 561 -19.01 -2.18 -12.32
N VAL A 562 -18.74 -2.96 -11.28
CA VAL A 562 -18.93 -4.41 -11.25
C VAL A 562 -20.11 -4.88 -10.38
N LYS A 563 -21.10 -5.61 -10.93
CA LYS A 563 -22.17 -6.18 -10.11
C LYS A 563 -22.22 -7.68 -10.21
N VAL A 564 -22.70 -8.38 -9.24
CA VAL A 564 -22.88 -9.83 -9.29
C VAL A 564 -24.40 -10.08 -9.41
N ALA A 565 -24.93 -11.09 -10.08
CA ALA A 565 -26.34 -11.41 -9.89
C ALA A 565 -26.48 -12.88 -9.49
N ALA A 566 -27.04 -13.05 -8.30
CA ALA A 566 -27.22 -14.39 -7.74
C ALA A 566 -28.71 -14.54 -7.53
N SER A 567 -29.20 -15.70 -8.00
CA SER A 567 -30.61 -16.09 -7.92
C SER A 567 -31.56 -15.05 -8.54
N GLY A 568 -31.07 -14.32 -9.53
CA GLY A 568 -31.86 -13.29 -10.17
C GLY A 568 -31.57 -11.93 -9.55
N VAL A 569 -31.43 -11.87 -8.23
CA VAL A 569 -31.18 -10.61 -7.52
C VAL A 569 -29.74 -10.14 -7.74
N ASN A 570 -29.62 -8.84 -7.89
CA ASN A 570 -28.34 -8.21 -8.17
C ASN A 570 -27.64 -7.66 -6.94
N SER A 571 -26.32 -7.76 -6.85
CA SER A 571 -25.59 -7.14 -5.76
C SER A 571 -25.44 -5.63 -5.92
N ASN A 572 -24.75 -5.09 -4.92
CA ASN A 572 -24.33 -3.70 -4.97
C ASN A 572 -23.32 -3.54 -6.09
N ALA A 573 -23.03 -2.29 -6.40
CA ALA A 573 -22.12 -2.02 -7.49
C ALA A 573 -20.76 -1.60 -6.95
N TYR A 574 -19.68 -2.28 -7.33
CA TYR A 574 -18.33 -1.94 -6.88
C TYR A 574 -17.82 -1.09 -8.03
N ASN A 575 -17.28 0.05 -7.69
CA ASN A 575 -16.94 0.98 -8.75
C ASN A 575 -15.51 1.03 -9.24
N ASN A 576 -15.28 1.91 -10.21
CA ASN A 576 -13.98 2.29 -10.69
C ASN A 576 -12.92 1.22 -10.94
N PHE A 577 -13.39 0.30 -11.77
CA PHE A 577 -12.57 -0.76 -12.25
C PHE A 577 -12.01 -0.13 -13.52
N THR A 578 -10.78 -0.42 -13.87
CA THR A 578 -10.21 0.18 -15.05
C THR A 578 -9.89 -0.97 -16.00
N ILE A 579 -10.62 -1.10 -17.09
CA ILE A 579 -10.22 -2.03 -18.13
C ILE A 579 -9.27 -1.22 -18.97
N LEU A 580 -8.04 -1.73 -19.19
CA LEU A 580 -7.00 -1.16 -20.05
C LEU A 580 -7.14 -1.70 -21.48
N THR A 581 -6.88 -0.97 -22.55
CA THR A 581 -6.87 -1.47 -23.92
C THR A 581 -6.08 -2.81 -24.01
N GLY A 582 -4.84 -2.93 -23.55
CA GLY A 582 -4.16 -4.19 -23.59
C GLY A 582 -2.97 -4.05 -22.71
N ASP A 583 -1.92 -4.67 -23.22
CA ASP A 583 -0.64 -4.56 -22.60
C ASP A 583 -0.13 -3.12 -22.67
N GLN A 584 0.65 -2.59 -21.74
CA GLN A 584 1.09 -1.18 -21.68
C GLN A 584 2.61 -1.23 -21.81
N VAL A 585 3.16 -0.10 -22.30
CA VAL A 585 4.58 0.24 -22.49
C VAL A 585 4.84 1.70 -22.02
N THR A 586 5.90 2.13 -21.34
CA THR A 586 5.89 3.54 -20.99
C THR A 586 6.43 4.42 -22.14
N VAL A 587 5.65 5.34 -22.68
CA VAL A 587 6.19 6.22 -23.72
C VAL A 587 6.32 7.67 -23.24
N ARG A 588 7.49 8.31 -23.41
CA ARG A 588 7.76 9.68 -23.02
C ARG A 588 7.29 10.61 -24.15
N PHE A 589 6.28 11.49 -24.00
CA PHE A 589 5.89 12.45 -25.06
C PHE A 589 6.54 13.82 -24.79
N VAL A 590 7.22 14.41 -25.78
CA VAL A 590 8.02 15.61 -25.62
C VAL A 590 7.46 16.61 -26.61
N VAL A 591 7.01 17.77 -26.13
CA VAL A 591 6.41 18.76 -27.00
C VAL A 591 7.25 20.03 -26.84
N ASN A 592 7.65 20.50 -28.00
CA ASN A 592 8.51 21.65 -28.08
C ASN A 592 7.63 22.79 -28.39
N ASN A 593 8.16 23.95 -28.03
CA ASN A 593 7.61 25.22 -28.44
C ASN A 593 6.24 25.50 -27.93
N ALA A 594 6.09 25.14 -26.71
CA ALA A 594 4.82 25.26 -26.13
C ALA A 594 4.93 26.29 -25.04
N SER A 595 5.05 27.55 -25.41
CA SER A 595 5.01 28.67 -24.47
C SER A 595 3.66 28.71 -23.82
N THR A 596 3.54 29.02 -22.55
CA THR A 596 2.24 29.14 -21.95
C THR A 596 2.17 30.49 -21.27
N THR A 597 1.24 30.71 -20.39
CA THR A 597 1.01 31.96 -19.68
C THR A 597 1.21 31.73 -18.20
N LEU A 598 1.16 32.82 -17.46
CA LEU A 598 1.15 32.64 -16.04
C LEU A 598 -0.13 31.83 -15.75
N GLY A 599 0.27 30.76 -15.06
CA GLY A 599 -0.63 29.74 -14.57
C GLY A 599 -1.26 28.91 -15.69
N GLN A 600 -0.69 28.73 -16.87
CA GLN A 600 -1.37 27.99 -17.92
C GLN A 600 -0.62 26.69 -17.94
N ASN A 601 -1.29 25.58 -17.92
CA ASN A 601 -0.61 24.32 -17.94
C ASN A 601 -0.91 23.47 -19.19
N LEU A 602 -0.18 22.37 -19.32
CA LEU A 602 -0.15 21.59 -20.52
C LEU A 602 -0.51 20.14 -20.32
N TYR A 603 -1.59 19.65 -20.90
CA TYR A 603 -2.00 18.26 -20.76
C TYR A 603 -1.87 17.52 -22.10
N LEU A 604 -1.88 16.21 -22.22
CA LEU A 604 -2.10 15.59 -23.50
C LEU A 604 -3.33 14.66 -23.39
N THR A 605 -3.99 14.51 -24.52
CA THR A 605 -5.06 13.59 -24.64
C THR A 605 -5.05 12.98 -26.05
N GLY A 606 -5.92 12.02 -26.25
CA GLY A 606 -5.90 11.31 -27.49
C GLY A 606 -6.88 10.16 -27.49
N ASN A 607 -6.84 9.57 -28.67
CA ASN A 607 -7.70 8.47 -29.08
C ASN A 607 -7.74 7.19 -28.28
N VAL A 608 -7.08 7.01 -27.14
CA VAL A 608 -7.31 5.81 -26.38
C VAL A 608 -7.76 6.02 -24.95
N ALA A 609 -8.38 5.03 -24.30
CA ALA A 609 -8.85 5.27 -22.96
C ALA A 609 -7.72 5.58 -21.99
N GLU A 610 -6.53 4.97 -22.19
CA GLU A 610 -5.34 5.34 -21.39
C GLU A 610 -4.96 6.83 -21.46
N LEU A 611 -5.10 7.49 -22.63
CA LEU A 611 -4.83 8.92 -22.86
C LEU A 611 -6.01 9.82 -22.48
N GLY A 612 -6.99 9.24 -21.79
CA GLY A 612 -8.16 10.01 -21.44
C GLY A 612 -9.26 9.93 -22.46
N ASN A 613 -9.02 9.43 -23.68
CA ASN A 613 -10.02 9.36 -24.74
C ASN A 613 -10.65 10.72 -25.01
N TRP A 614 -9.81 11.53 -25.65
CA TRP A 614 -9.99 12.91 -26.05
C TRP A 614 -10.72 13.79 -25.06
N SER A 615 -10.24 13.67 -23.84
CA SER A 615 -10.81 14.28 -22.65
C SER A 615 -10.02 15.55 -22.31
N THR A 616 -10.58 16.57 -21.65
CA THR A 616 -9.77 17.67 -21.09
C THR A 616 -10.05 17.75 -19.59
N GLY A 617 -10.73 16.66 -19.14
CA GLY A 617 -11.06 16.42 -17.74
C GLY A 617 -9.96 15.74 -16.92
N SER A 618 -10.34 15.00 -15.89
CA SER A 618 -9.38 14.31 -15.01
C SER A 618 -8.73 13.06 -15.64
N THR A 619 -9.15 12.74 -16.85
CA THR A 619 -8.50 11.65 -17.54
C THR A 619 -7.45 12.16 -18.53
N ALA A 620 -7.43 13.43 -18.91
CA ALA A 620 -6.38 13.97 -19.79
C ALA A 620 -5.16 13.95 -18.93
N ILE A 621 -4.07 13.49 -19.52
CA ILE A 621 -2.84 13.34 -18.76
C ILE A 621 -2.18 14.69 -18.79
N GLY A 622 -1.68 15.07 -17.66
CA GLY A 622 -1.12 16.35 -17.50
C GLY A 622 -1.34 16.67 -16.00
N PRO A 623 -0.63 17.70 -15.47
CA PRO A 623 0.17 18.59 -16.32
C PRO A 623 1.59 18.07 -16.61
N ALA A 624 2.16 18.37 -17.77
CA ALA A 624 3.48 17.90 -18.16
C ALA A 624 4.63 18.55 -17.39
N PHE A 625 5.76 17.86 -17.41
CA PHE A 625 6.89 18.44 -16.73
C PHE A 625 7.60 19.41 -17.62
N ASN A 626 8.61 20.14 -17.15
CA ASN A 626 9.27 21.13 -17.97
C ASN A 626 10.41 21.87 -17.29
N GLN A 627 10.96 21.25 -16.27
CA GLN A 627 12.12 21.77 -15.57
C GLN A 627 13.36 20.88 -15.67
N VAL A 628 13.27 19.55 -15.45
CA VAL A 628 14.43 18.70 -15.37
C VAL A 628 14.85 18.05 -16.68
N ILE A 629 14.25 16.98 -17.23
CA ILE A 629 14.81 16.25 -18.40
C ILE A 629 14.78 17.24 -19.60
N HIS A 630 13.62 17.89 -19.73
CA HIS A 630 13.44 18.93 -20.71
C HIS A 630 12.93 20.10 -19.92
N GLN A 631 13.16 21.26 -20.49
CA GLN A 631 12.84 22.51 -19.85
C GLN A 631 12.15 23.42 -20.84
N TYR A 632 11.31 24.26 -20.24
CA TYR A 632 10.54 25.33 -20.84
C TYR A 632 11.34 26.08 -21.90
N PRO A 633 10.76 26.21 -23.12
CA PRO A 633 9.40 25.90 -23.42
C PRO A 633 9.15 24.55 -24.13
N THR A 634 10.01 23.57 -23.82
CA THR A 634 9.73 22.18 -24.16
C THR A 634 8.97 21.58 -22.96
N TRP A 635 8.12 20.61 -23.13
CA TRP A 635 7.34 20.05 -22.05
C TRP A 635 7.35 18.56 -22.28
N TYR A 636 7.33 17.71 -21.26
CA TYR A 636 7.47 16.27 -21.52
C TYR A 636 6.66 15.55 -20.52
N TYR A 637 6.34 14.31 -20.75
CA TYR A 637 5.66 13.52 -19.74
C TYR A 637 5.71 12.03 -20.03
N ASP A 638 5.74 11.24 -18.99
CA ASP A 638 5.87 9.78 -19.18
C ASP A 638 4.54 9.09 -19.14
N VAL A 639 3.95 8.53 -20.22
CA VAL A 639 2.66 7.91 -20.00
C VAL A 639 2.55 6.40 -20.11
N SER A 640 1.63 5.74 -19.38
CA SER A 640 1.42 4.31 -19.57
C SER A 640 0.57 4.16 -20.83
N VAL A 641 1.10 3.76 -21.95
CA VAL A 641 0.23 3.66 -23.08
C VAL A 641 0.23 2.21 -23.66
N PRO A 642 -0.79 1.65 -24.34
CA PRO A 642 -0.79 0.31 -24.89
C PRO A 642 0.19 -0.10 -25.99
N ALA A 643 0.88 -1.19 -25.72
CA ALA A 643 1.78 -1.91 -26.62
C ALA A 643 1.29 -2.06 -28.06
N GLY A 644 2.16 -1.67 -28.98
CA GLY A 644 1.96 -1.76 -30.43
C GLY A 644 0.62 -1.25 -31.00
N LYS A 645 0.22 -0.02 -30.71
CA LYS A 645 -1.09 0.48 -31.21
C LYS A 645 -0.69 1.82 -31.82
N GLN A 646 -1.48 2.26 -32.80
CA GLN A 646 -1.16 3.51 -33.44
C GLN A 646 -1.88 4.52 -32.59
N LEU A 647 -1.32 5.65 -32.20
CA LEU A 647 -2.08 6.55 -31.36
C LEU A 647 -2.22 7.85 -32.12
N GLU A 648 -3.26 8.57 -31.74
CA GLU A 648 -3.58 9.81 -32.31
C GLU A 648 -3.71 10.67 -31.03
N PHE A 649 -2.88 11.69 -30.91
CA PHE A 649 -2.81 12.45 -29.69
C PHE A 649 -2.65 13.89 -30.06
N LYS A 650 -3.08 14.79 -29.15
CA LYS A 650 -2.82 16.22 -29.29
C LYS A 650 -2.63 16.92 -27.95
N PHE A 651 -1.71 17.90 -27.81
CA PHE A 651 -1.49 18.58 -26.53
C PHE A 651 -2.42 19.79 -26.47
N PHE A 652 -2.67 20.37 -25.28
CA PHE A 652 -3.48 21.58 -25.09
C PHE A 652 -3.16 22.19 -23.73
N LYS A 653 -3.29 23.52 -23.77
CA LYS A 653 -3.01 24.42 -22.68
C LYS A 653 -4.37 24.62 -22.06
N LYS A 654 -4.41 24.60 -20.75
CA LYS A 654 -5.61 24.67 -19.96
C LYS A 654 -5.20 25.62 -18.87
N ASN A 655 -6.12 26.55 -18.77
CA ASN A 655 -5.92 27.74 -17.99
C ASN A 655 -7.00 27.86 -16.94
N GLY A 656 -8.20 28.32 -17.28
CA GLY A 656 -9.26 28.25 -16.30
C GLY A 656 -10.09 27.11 -16.82
N SER A 657 -10.93 27.68 -17.67
CA SER A 657 -11.81 26.89 -18.52
C SER A 657 -11.35 27.04 -19.98
N THR A 658 -10.19 27.66 -20.10
CA THR A 658 -9.70 27.94 -21.41
C THR A 658 -8.77 26.81 -21.80
N ILE A 659 -9.43 25.90 -22.47
CA ILE A 659 -8.77 24.80 -23.11
C ILE A 659 -8.41 25.52 -24.40
N THR A 660 -7.19 25.31 -24.86
CA THR A 660 -6.75 25.86 -26.12
C THR A 660 -5.76 24.82 -26.66
N TRP A 661 -6.22 24.26 -27.76
CA TRP A 661 -5.61 23.15 -28.48
C TRP A 661 -4.38 23.39 -29.35
N GLU A 662 -3.88 22.28 -29.82
CA GLU A 662 -2.90 22.31 -30.86
C GLU A 662 -3.71 22.47 -32.11
N SER A 663 -3.24 23.39 -32.93
CA SER A 663 -3.79 23.55 -34.29
C SER A 663 -3.29 22.41 -35.17
N GLY A 664 -3.79 22.39 -36.39
CA GLY A 664 -3.34 21.42 -37.39
C GLY A 664 -4.03 20.09 -37.24
N SER A 665 -3.39 19.05 -37.73
CA SER A 665 -3.87 17.68 -37.66
C SER A 665 -3.37 17.02 -36.40
N ASN A 666 -4.15 16.03 -36.00
CA ASN A 666 -3.71 15.20 -34.88
C ASN A 666 -2.33 14.65 -35.09
N HIS A 667 -1.47 14.56 -34.03
CA HIS A 667 -0.14 13.91 -34.16
C HIS A 667 -0.49 12.44 -33.98
N THR A 668 0.37 11.61 -34.56
CA THR A 668 0.13 10.18 -34.62
C THR A 668 1.40 9.49 -34.21
N PHE A 669 1.32 8.29 -33.60
CA PHE A 669 2.47 7.52 -33.14
C PHE A 669 2.27 6.01 -33.01
N THR A 670 3.06 5.13 -33.55
CA THR A 670 2.77 3.72 -33.32
C THR A 670 3.73 3.28 -32.19
N THR A 671 3.17 2.69 -31.14
CA THR A 671 3.95 2.32 -29.97
C THR A 671 4.66 1.00 -30.12
N PRO A 672 5.71 0.73 -29.36
CA PRO A 672 6.43 -0.53 -29.39
C PRO A 672 5.58 -1.65 -28.80
N ALA A 673 5.90 -2.87 -29.21
CA ALA A 673 5.21 -4.03 -28.69
C ALA A 673 5.72 -4.38 -27.31
N SER A 674 6.86 -3.83 -26.93
CA SER A 674 7.30 -3.99 -25.58
C SER A 674 8.13 -2.75 -25.26
N GLY A 675 8.35 -2.56 -23.96
CA GLY A 675 9.31 -1.59 -23.50
C GLY A 675 8.85 -0.18 -23.21
N THR A 676 9.79 0.67 -23.56
CA THR A 676 9.62 2.10 -23.51
C THR A 676 9.98 2.75 -24.84
N ALA A 677 9.49 3.96 -25.15
CA ALA A 677 9.85 4.72 -26.37
C ALA A 677 9.75 6.22 -26.07
N THR A 678 10.33 7.03 -26.94
CA THR A 678 10.23 8.48 -26.81
C THR A 678 9.73 9.09 -28.11
N VAL A 679 8.90 10.14 -28.08
CA VAL A 679 8.46 10.76 -29.32
C VAL A 679 8.45 12.26 -29.08
N THR A 680 8.78 13.03 -30.12
CA THR A 680 8.93 14.47 -30.00
C THR A 680 8.15 15.21 -31.08
N VAL A 681 7.26 16.03 -30.59
CA VAL A 681 6.55 16.83 -31.53
C VAL A 681 6.77 18.28 -31.24
N ASN A 682 6.57 19.02 -32.30
CA ASN A 682 6.56 20.44 -32.22
C ASN A 682 5.13 20.88 -32.09
N TRP A 683 4.87 21.59 -30.97
CA TRP A 683 3.56 22.24 -30.77
C TRP A 683 3.13 22.98 -32.08
N GLN A 684 1.99 22.72 -32.67
CA GLN A 684 1.59 23.36 -33.88
C GLN A 684 0.37 24.22 -33.58
C1 GLC B . 11.69 4.82 1.36
C2 GLC B . 11.71 3.87 2.57
C3 GLC B . 12.87 4.39 3.38
C4 GLC B . 14.21 4.15 2.60
C5 GLC B . 14.15 4.98 1.31
C6 GLC B . 15.27 4.59 0.38
O2 GLC B . 10.50 3.73 3.30
O3 GLC B . 12.90 3.79 4.66
O4 GLC B . 15.15 4.63 3.61
O5 GLC B . 12.91 4.71 0.62
O6 GLC B . 14.95 3.33 -0.18
C1 GLC B . 16.50 4.04 3.66
C2 GLC B . 16.78 3.56 5.08
C3 GLC B . 17.31 4.70 5.90
C4 GLC B . 18.59 5.22 5.25
C5 GLC B . 18.15 5.90 3.94
C6 GLC B . 19.34 6.54 3.21
O2 GLC B . 15.65 3.04 5.73
O3 GLC B . 17.60 4.33 7.23
O4 GLC B . 19.22 6.10 6.18
O5 GLC B . 17.53 4.88 3.10
O6 GLC B . 19.76 5.69 2.14
CA CA C . 13.74 8.55 -9.13
CA CA D . 21.57 -14.60 11.14
#